data_4J0G
#
_entry.id   4J0G
#
_cell.length_a   46.357
_cell.length_b   62.686
_cell.length_c   83.122
_cell.angle_alpha   70.49
_cell.angle_beta   86.93
_cell.angle_gamma   79.10
#
_symmetry.space_group_name_H-M   'P 1'
#
loop_
_entity.id
_entity.type
_entity.pdbx_description
1 polymer Tannase
2 non-polymer 'MERCURY (II) ION'
3 non-polymer DI(HYDROXYETHYL)ETHER
4 non-polymer 'PENTAETHYLENE GLYCOL'
5 water water
#
_entity_poly.entity_id   1
_entity_poly.type   'polypeptide(L)'
_entity_poly.pdbx_seq_one_letter_code
;SMSNRLIFDADWLVPEQVQVAGQAIQYYAARNIQYVQHPVAAIQVLNVFVPAAYLHGSSVNGYQRATAPILMPNTVGGYL
PGPADDPQRVTWPTNAGTIQQALKRGYVVVAAGIRGRTTVDKSGQRVGQAPAFIVDMKAAIRYVKYNQGRLPGDANRIIT
NGTSAGGATSALAGASGNSAYFEPALTALGAAPATDDIFAVSAYCPIHNLEHADMAYEWQFNGINDWHRYQPVAGTTKNG
RPKFEPVSGQLTVEEQALSLALKAQFSTYLNQLKLTASDGTHLTLNEAGMGSFRDVVRQLLISSAQTAFDQGTDIHKYAG
FVVTGNQVTDLDLSAYLKSLTRMKAVPAFDQLDLTSPENNLFGDATAKAKHFTALAQTRSTVTAQLADAELIQAINPLSY
LTTTSSQVAKHWRIRHGAADRDTSFAIPIILAIMLENHGYGIDFALPWDIPHSGDYDLGDLFSWIDGLCQ
;
_entity_poly.pdbx_strand_id   A,B
#
loop_
_chem_comp.id
_chem_comp.type
_chem_comp.name
_chem_comp.formula
1PE non-polymer 'PENTAETHYLENE GLYCOL' 'C10 H22 O6'
HG non-polymer 'MERCURY (II) ION' 'Hg 2'
PEG non-polymer DI(HYDROXYETHYL)ETHER 'C4 H10 O3'
#
# COMPACT_ATOMS: atom_id res chain seq x y z
N SER A 1 36.54 -26.45 -25.77
CA SER A 1 36.61 -25.81 -27.08
C SER A 1 35.54 -26.34 -28.03
N MET A 2 35.54 -25.83 -29.26
CA MET A 2 34.61 -26.29 -30.29
C MET A 2 34.81 -27.77 -30.65
N SER A 3 35.96 -28.30 -30.26
CA SER A 3 36.28 -29.72 -30.45
C SER A 3 35.31 -30.63 -29.70
N ASN A 4 34.78 -30.14 -28.59
CA ASN A 4 33.78 -30.87 -27.82
C ASN A 4 32.41 -30.85 -28.50
N ARG A 5 32.01 -32.01 -29.02
CA ARG A 5 30.80 -32.10 -29.82
C ARG A 5 29.53 -32.25 -28.97
N LEU A 6 29.69 -32.33 -27.65
CA LEU A 6 28.54 -32.49 -26.74
C LEU A 6 27.69 -33.73 -27.02
N ILE A 7 28.33 -34.78 -27.52
CA ILE A 7 27.65 -36.04 -27.81
C ILE A 7 27.90 -37.03 -26.65
N PHE A 8 26.82 -37.44 -26.00
CA PHE A 8 26.92 -38.43 -24.93
C PHE A 8 27.08 -39.80 -25.57
N ASP A 9 27.90 -40.63 -24.94
CA ASP A 9 28.10 -41.98 -25.42
C ASP A 9 27.84 -42.90 -24.22
N ALA A 10 26.85 -43.77 -24.35
CA ALA A 10 26.45 -44.65 -23.27
C ALA A 10 27.56 -45.62 -22.87
N ASP A 11 28.55 -45.77 -23.74
CA ASP A 11 29.67 -46.64 -23.44
C ASP A 11 30.50 -46.00 -22.33
N TRP A 12 30.20 -44.73 -22.03
CA TRP A 12 30.88 -44.05 -20.94
C TRP A 12 30.40 -44.57 -19.60
N LEU A 13 29.21 -45.15 -19.59
CA LEU A 13 28.59 -45.51 -18.32
C LEU A 13 29.28 -46.76 -17.75
N VAL A 14 29.73 -46.66 -16.50
CA VAL A 14 30.42 -47.77 -15.84
C VAL A 14 29.66 -48.23 -14.59
N PRO A 15 29.74 -49.53 -14.27
CA PRO A 15 28.88 -50.06 -13.21
C PRO A 15 29.33 -49.75 -11.78
N GLU A 16 28.35 -49.39 -10.96
CA GLU A 16 28.60 -49.09 -9.57
C GLU A 16 27.43 -49.61 -8.73
N GLN A 17 27.60 -49.57 -7.43
CA GLN A 17 26.62 -50.09 -6.49
C GLN A 17 26.69 -49.25 -5.24
N VAL A 18 25.58 -49.09 -4.53
CA VAL A 18 25.69 -48.34 -3.32
C VAL A 18 24.74 -49.00 -2.35
N GLN A 19 25.11 -48.96 -1.08
CA GLN A 19 24.28 -49.61 -0.09
C GLN A 19 23.21 -48.60 0.29
N VAL A 20 21.96 -49.04 0.15
CA VAL A 20 20.73 -48.35 0.55
C VAL A 20 19.94 -48.97 1.68
N ALA A 21 19.75 -48.23 2.77
CA ALA A 21 19.59 -48.87 4.04
C ALA A 21 18.58 -50.03 4.02
N GLY A 22 19.25 -51.16 4.03
CA GLY A 22 18.86 -52.54 3.82
C GLY A 22 18.94 -53.11 2.41
N GLN A 23 19.23 -52.33 1.42
CA GLN A 23 19.43 -52.78 0.02
C GLN A 23 20.61 -52.38 -0.80
N ALA A 24 21.12 -53.28 -1.64
CA ALA A 24 22.20 -52.92 -2.58
C ALA A 24 21.64 -52.32 -3.89
N ILE A 25 21.90 -51.06 -4.21
CA ILE A 25 21.42 -50.47 -5.48
C ILE A 25 22.43 -50.46 -6.63
N GLN A 26 22.10 -51.10 -7.76
CA GLN A 26 23.04 -51.22 -8.87
C GLN A 26 22.74 -50.12 -9.89
N TYR A 27 23.78 -49.40 -10.35
CA TYR A 27 23.60 -48.29 -11.30
C TYR A 27 24.85 -48.11 -12.16
N TYR A 28 24.76 -47.27 -13.19
CA TYR A 28 25.94 -46.94 -13.99
C TYR A 28 26.25 -45.44 -13.89
N ALA A 29 27.53 -45.10 -13.99
CA ALA A 29 27.94 -43.71 -13.80
C ALA A 29 28.85 -43.21 -14.93
N ALA A 30 28.61 -41.98 -15.35
CA ALA A 30 29.52 -41.26 -16.24
C ALA A 30 29.72 -39.86 -15.64
N ARG A 31 30.95 -39.55 -15.25
CA ARG A 31 31.21 -38.31 -14.55
C ARG A 31 32.00 -37.27 -15.36
N ASN A 32 31.91 -36.02 -14.91
CA ASN A 32 32.75 -34.94 -15.43
C ASN A 32 32.58 -34.68 -16.91
N ILE A 33 31.34 -34.75 -17.36
CA ILE A 33 31.04 -34.47 -18.75
C ILE A 33 30.98 -32.95 -18.87
N GLN A 34 31.82 -32.38 -19.75
CA GLN A 34 31.78 -30.95 -20.01
C GLN A 34 30.57 -30.70 -20.85
N TYR A 35 29.58 -30.01 -20.29
CA TYR A 35 28.29 -29.88 -20.97
C TYR A 35 28.17 -28.63 -21.84
N VAL A 36 29.21 -27.80 -21.87
CA VAL A 36 29.28 -26.71 -22.83
C VAL A 36 30.63 -26.65 -23.55
N GLN A 37 30.69 -25.96 -24.68
CA GLN A 37 31.93 -25.90 -25.46
C GLN A 37 32.93 -24.90 -24.91
N HIS A 38 32.44 -23.84 -24.29
CA HIS A 38 33.36 -22.81 -23.80
C HIS A 38 33.09 -22.52 -22.33
N PRO A 39 33.32 -23.52 -21.47
CA PRO A 39 33.15 -23.30 -20.04
C PRO A 39 34.16 -22.27 -19.54
N VAL A 40 33.78 -21.49 -18.54
CA VAL A 40 34.69 -20.53 -17.94
C VAL A 40 35.19 -20.95 -16.56
N ALA A 41 34.66 -22.07 -16.05
CA ALA A 41 35.00 -22.55 -14.72
C ALA A 41 34.97 -24.07 -14.61
N ALA A 42 35.84 -24.63 -13.78
CA ALA A 42 35.99 -26.07 -13.64
C ALA A 42 34.73 -26.75 -13.11
N ILE A 43 33.89 -25.99 -12.41
CA ILE A 43 32.69 -26.57 -11.81
C ILE A 43 31.66 -26.94 -12.88
N GLN A 44 31.79 -26.39 -14.08
CA GLN A 44 30.79 -26.70 -15.10
C GLN A 44 31.00 -28.04 -15.79
N VAL A 45 30.68 -29.12 -15.06
CA VAL A 45 30.61 -30.47 -15.59
C VAL A 45 29.34 -31.10 -15.05
N LEU A 46 28.92 -32.21 -15.64
CA LEU A 46 27.76 -32.89 -15.08
C LEU A 46 28.03 -34.39 -14.92
N ASN A 47 27.29 -35.01 -14.00
CA ASN A 47 27.37 -36.46 -13.82
C ASN A 47 26.05 -37.09 -14.26
N VAL A 48 26.15 -38.28 -14.84
CA VAL A 48 24.98 -39.04 -15.24
C VAL A 48 24.95 -40.38 -14.51
N PHE A 49 23.80 -40.69 -13.91
CA PHE A 49 23.63 -41.95 -13.20
C PHE A 49 22.36 -42.68 -13.67
N VAL A 50 22.51 -43.96 -14.02
CA VAL A 50 21.43 -44.71 -14.66
C VAL A 50 21.19 -46.03 -13.95
N PRO A 51 19.92 -46.31 -13.60
CA PRO A 51 19.61 -47.62 -13.01
C PRO A 51 20.16 -48.76 -13.87
N ALA A 52 20.80 -49.74 -13.24
CA ALA A 52 21.51 -50.79 -13.96
C ALA A 52 20.61 -51.54 -14.93
N ALA A 53 19.35 -51.72 -14.54
CA ALA A 53 18.40 -52.46 -15.37
C ALA A 53 18.35 -51.91 -16.80
N TYR A 54 18.55 -50.60 -16.93
CA TYR A 54 18.36 -49.94 -18.23
C TYR A 54 19.48 -50.22 -19.21
N LEU A 55 20.59 -50.77 -18.71
CA LEU A 55 21.67 -51.19 -19.59
C LEU A 55 21.46 -52.64 -20.00
N HIS A 56 20.43 -53.27 -19.43
CA HIS A 56 20.17 -54.67 -19.65
C HIS A 56 18.81 -54.87 -20.31
N GLY A 57 18.25 -53.79 -20.81
CA GLY A 57 17.00 -53.93 -21.53
C GLY A 57 15.98 -54.38 -20.51
N SER A 58 16.07 -53.93 -19.27
CA SER A 58 15.11 -54.35 -18.25
C SER A 58 14.47 -53.13 -17.59
N SER A 59 13.65 -53.39 -16.57
CA SER A 59 12.79 -52.36 -15.99
C SER A 59 12.94 -52.02 -14.50
N VAL A 60 12.53 -50.81 -14.13
CA VAL A 60 12.45 -50.42 -12.72
C VAL A 60 11.16 -49.63 -12.55
N ASN A 61 10.35 -50.10 -11.62
CA ASN A 61 9.14 -49.40 -11.21
C ASN A 61 8.29 -48.97 -12.40
N GLY A 62 8.16 -49.85 -13.39
CA GLY A 62 7.31 -49.57 -14.53
C GLY A 62 8.06 -48.72 -15.54
N TYR A 63 9.31 -48.38 -15.24
CA TYR A 63 10.07 -47.53 -16.15
C TYR A 63 11.18 -48.33 -16.78
N GLN A 64 11.56 -47.87 -17.97
CA GLN A 64 12.66 -48.41 -18.75
C GLN A 64 13.64 -47.37 -19.28
N ARG A 65 14.65 -47.84 -19.99
CA ARG A 65 15.69 -46.95 -20.53
C ARG A 65 15.11 -45.81 -21.37
N ALA A 66 14.06 -46.06 -22.17
CA ALA A 66 13.57 -44.98 -23.03
C ALA A 66 12.59 -44.01 -22.34
N THR A 67 11.99 -44.46 -21.24
CA THR A 67 10.83 -43.73 -20.66
C THR A 67 11.03 -43.15 -19.29
N ALA A 68 12.15 -43.50 -18.68
CA ALA A 68 12.42 -43.07 -17.30
C ALA A 68 12.48 -41.57 -17.21
N PRO A 69 11.96 -41.03 -16.08
CA PRO A 69 12.07 -39.60 -15.79
C PRO A 69 13.50 -39.25 -15.59
N ILE A 70 13.87 -38.00 -15.90
CA ILE A 70 15.21 -37.58 -15.65
C ILE A 70 15.16 -36.55 -14.54
N LEU A 71 15.64 -36.95 -13.36
CA LEU A 71 15.69 -36.04 -12.24
C LEU A 71 16.96 -35.23 -12.38
N MET A 72 16.83 -33.91 -12.26
CA MET A 72 18.00 -33.05 -12.36
C MET A 72 18.09 -32.25 -11.08
N PRO A 73 18.65 -32.86 -10.02
CA PRO A 73 18.77 -32.17 -8.74
C PRO A 73 19.96 -31.25 -8.77
N ASN A 74 19.93 -30.18 -7.99
CA ASN A 74 21.12 -29.37 -7.87
C ASN A 74 21.53 -29.16 -6.43
N THR A 75 22.79 -28.81 -6.26
CA THR A 75 23.42 -28.65 -4.97
CA THR A 75 23.41 -28.64 -4.95
C THR A 75 23.51 -27.19 -4.46
N VAL A 76 22.87 -26.27 -5.19
CA VAL A 76 22.98 -24.84 -4.88
C VAL A 76 22.22 -24.40 -3.63
N GLY A 77 22.94 -23.68 -2.76
CA GLY A 77 22.34 -23.03 -1.62
C GLY A 77 23.03 -21.69 -1.35
N GLY A 78 22.27 -20.73 -0.84
CA GLY A 78 22.81 -19.42 -0.51
C GLY A 78 23.39 -18.73 -1.75
N TYR A 79 22.95 -19.18 -2.92
CA TYR A 79 23.48 -18.72 -4.19
C TYR A 79 24.98 -18.93 -4.36
N LEU A 80 25.53 -19.91 -3.63
CA LEU A 80 26.92 -20.33 -3.74
C LEU A 80 27.04 -21.35 -4.87
N PRO A 81 28.26 -21.65 -5.33
CA PRO A 81 28.35 -22.65 -6.40
C PRO A 81 27.82 -24.04 -5.96
N GLY A 82 27.18 -24.77 -6.88
CA GLY A 82 26.75 -26.11 -6.58
C GLY A 82 27.49 -27.18 -7.37
N PRO A 83 28.41 -27.91 -6.73
CA PRO A 83 29.16 -28.97 -7.41
C PRO A 83 28.27 -30.10 -7.97
N ALA A 84 28.72 -30.74 -9.05
CA ALA A 84 27.99 -31.90 -9.60
C ALA A 84 27.85 -32.98 -8.54
N ASP A 85 26.62 -33.42 -8.31
CA ASP A 85 26.35 -34.35 -7.22
C ASP A 85 26.61 -35.79 -7.65
N ASP A 86 26.51 -36.69 -6.69
CA ASP A 86 27.04 -38.03 -6.84
C ASP A 86 26.50 -38.88 -5.71
N PRO A 87 26.01 -40.08 -6.02
CA PRO A 87 25.51 -40.97 -4.97
C PRO A 87 26.60 -41.42 -4.00
N GLN A 88 27.85 -41.25 -4.41
CA GLN A 88 28.99 -41.61 -3.56
C GLN A 88 29.54 -40.42 -2.78
N ARG A 89 29.02 -39.23 -3.05
CA ARG A 89 29.53 -38.00 -2.44
C ARG A 89 29.24 -37.87 -0.93
N VAL A 90 30.28 -37.67 -0.13
CA VAL A 90 30.10 -37.42 1.29
C VAL A 90 30.40 -35.96 1.66
N THR A 91 31.01 -35.23 0.74
CA THR A 91 31.37 -33.82 0.92
C THR A 91 30.21 -32.83 0.79
N TRP A 92 30.17 -31.84 1.67
CA TRP A 92 29.12 -30.82 1.58
C TRP A 92 29.43 -29.80 0.49
N PRO A 93 28.38 -29.33 -0.19
CA PRO A 93 26.99 -29.80 -0.03
C PRO A 93 26.66 -31.03 -0.88
N THR A 94 25.71 -31.86 -0.47
CA THR A 94 25.34 -33.04 -1.26
C THR A 94 23.95 -33.59 -0.95
N ASN A 95 23.26 -34.07 -1.99
CA ASN A 95 22.03 -34.85 -1.87
C ASN A 95 22.17 -36.32 -2.26
N ALA A 96 23.33 -36.90 -1.97
CA ALA A 96 23.63 -38.25 -2.41
C ALA A 96 22.53 -39.20 -1.97
N GLY A 97 22.02 -39.01 -0.75
CA GLY A 97 20.95 -39.88 -0.28
C GLY A 97 19.74 -39.81 -1.20
N THR A 98 19.42 -38.61 -1.69
CA THR A 98 18.28 -38.43 -2.59
C THR A 98 18.54 -39.14 -3.92
N ILE A 99 19.77 -39.02 -4.40
CA ILE A 99 20.19 -39.65 -5.65
C ILE A 99 20.14 -41.17 -5.57
N GLN A 100 20.60 -41.72 -4.45
CA GLN A 100 20.55 -43.15 -4.23
C GLN A 100 19.13 -43.63 -4.34
N GLN A 101 18.22 -42.89 -3.70
CA GLN A 101 16.82 -43.24 -3.69
C GLN A 101 16.15 -43.08 -5.06
N ALA A 102 16.53 -42.06 -5.81
CA ALA A 102 15.97 -41.82 -7.14
C ALA A 102 16.32 -43.00 -8.04
N LEU A 103 17.55 -43.48 -7.90
CA LEU A 103 18.04 -44.61 -8.69
C LEU A 103 17.25 -45.85 -8.33
N LYS A 104 17.02 -46.04 -7.04
CA LYS A 104 16.21 -47.17 -6.58
C LYS A 104 14.82 -47.07 -7.21
N ARG A 105 14.33 -45.85 -7.38
CA ARG A 105 12.99 -45.61 -7.94
C ARG A 105 12.91 -45.72 -9.46
N GLY A 106 14.07 -45.82 -10.12
CA GLY A 106 14.06 -45.98 -11.55
C GLY A 106 14.28 -44.70 -12.31
N TYR A 107 14.68 -43.64 -11.62
CA TYR A 107 14.87 -42.37 -12.32
C TYR A 107 16.30 -42.29 -12.82
N VAL A 108 16.47 -41.75 -14.02
CA VAL A 108 17.79 -41.37 -14.47
C VAL A 108 18.12 -40.06 -13.78
N VAL A 109 19.36 -39.94 -13.32
CA VAL A 109 19.78 -38.73 -12.63
C VAL A 109 20.92 -38.01 -13.34
N VAL A 110 20.69 -36.75 -13.67
CA VAL A 110 21.72 -35.91 -14.24
C VAL A 110 22.01 -34.77 -13.28
N ALA A 111 23.17 -34.84 -12.64
CA ALA A 111 23.51 -33.89 -11.59
C ALA A 111 24.55 -32.95 -12.17
N ALA A 112 24.13 -31.72 -12.44
CA ALA A 112 25.00 -30.77 -13.10
C ALA A 112 25.64 -29.84 -12.10
N GLY A 113 26.91 -29.51 -12.35
CA GLY A 113 27.60 -28.51 -11.56
C GLY A 113 27.24 -27.12 -12.00
N ILE A 114 27.05 -26.24 -11.02
CA ILE A 114 26.48 -24.92 -11.26
C ILE A 114 27.35 -23.83 -10.63
N ARG A 115 27.73 -22.84 -11.44
CA ARG A 115 28.49 -21.70 -10.94
C ARG A 115 27.71 -20.91 -9.89
N GLY A 116 28.43 -20.27 -8.97
CA GLY A 116 27.81 -19.44 -7.96
C GLY A 116 28.59 -18.17 -7.70
N ARG A 117 28.10 -17.37 -6.76
CA ARG A 117 28.58 -16.00 -6.59
C ARG A 117 30.05 -15.88 -6.22
N THR A 118 30.64 -16.96 -5.74
CA THR A 118 32.03 -16.93 -5.33
C THR A 118 32.94 -17.55 -6.40
N THR A 119 32.35 -17.99 -7.50
CA THR A 119 33.09 -18.64 -8.57
C THR A 119 33.99 -17.66 -9.33
N VAL A 120 35.24 -18.05 -9.56
CA VAL A 120 36.15 -17.22 -10.37
C VAL A 120 36.70 -18.00 -11.56
N ASP A 121 37.13 -17.28 -12.60
CA ASP A 121 37.72 -17.94 -13.76
C ASP A 121 39.23 -18.13 -13.58
N LYS A 122 39.88 -18.60 -14.64
CA LYS A 122 41.31 -18.88 -14.61
C LYS A 122 42.11 -17.62 -14.26
N SER A 123 41.57 -16.45 -14.58
CA SER A 123 42.27 -15.19 -14.37
C SER A 123 41.94 -14.58 -13.00
N GLY A 124 41.11 -15.26 -12.22
CA GLY A 124 40.76 -14.80 -10.88
C GLY A 124 39.60 -13.82 -10.92
N GLN A 125 38.99 -13.68 -12.09
CA GLN A 125 37.85 -12.81 -12.28
C GLN A 125 36.56 -13.54 -11.89
N ARG A 126 35.62 -12.86 -11.25
CA ARG A 126 34.35 -13.51 -10.90
C ARG A 126 33.52 -13.82 -12.14
N VAL A 127 33.07 -15.07 -12.27
CA VAL A 127 32.23 -15.46 -13.40
C VAL A 127 30.97 -16.22 -12.98
N GLY A 128 30.60 -16.13 -11.70
CA GLY A 128 29.47 -16.90 -11.22
C GLY A 128 28.30 -16.14 -10.66
N GLN A 129 28.32 -14.81 -10.78
CA GLN A 129 27.21 -14.01 -10.30
C GLN A 129 26.07 -14.07 -11.30
N ALA A 130 24.93 -13.48 -10.96
CA ALA A 130 23.72 -13.57 -11.78
C ALA A 130 23.92 -13.08 -13.21
N PRO A 131 23.35 -13.78 -14.21
CA PRO A 131 22.47 -14.95 -14.08
C PRO A 131 23.21 -16.27 -14.31
N ALA A 132 24.45 -16.37 -13.83
CA ALA A 132 25.25 -17.57 -14.05
C ALA A 132 24.56 -18.88 -13.62
N PHE A 133 23.92 -18.85 -12.46
CA PHE A 133 23.33 -20.06 -11.90
C PHE A 133 22.30 -20.71 -12.82
N ILE A 134 21.40 -19.88 -13.35
CA ILE A 134 20.33 -20.37 -14.22
C ILE A 134 20.79 -20.68 -15.64
N VAL A 135 21.76 -19.91 -16.14
CA VAL A 135 22.37 -20.22 -17.43
C VAL A 135 22.99 -21.61 -17.45
N ASP A 136 23.74 -21.94 -16.40
CA ASP A 136 24.36 -23.25 -16.31
C ASP A 136 23.29 -24.34 -16.22
N MET A 137 22.26 -24.11 -15.40
CA MET A 137 21.16 -25.07 -15.27
C MET A 137 20.52 -25.32 -16.62
N LYS A 138 20.26 -24.25 -17.35
CA LYS A 138 19.66 -24.36 -18.68
C LYS A 138 20.58 -25.10 -19.65
N ALA A 139 21.87 -24.77 -19.60
CA ALA A 139 22.86 -25.42 -20.44
C ALA A 139 22.93 -26.93 -20.21
N ALA A 140 22.80 -27.33 -18.95
CA ALA A 140 22.79 -28.75 -18.61
C ALA A 140 21.56 -29.42 -19.17
N ILE A 141 20.41 -28.75 -19.05
CA ILE A 141 19.17 -29.25 -19.64
C ILE A 141 19.31 -29.40 -21.15
N ARG A 142 19.91 -28.40 -21.80
CA ARG A 142 20.09 -28.46 -23.24
C ARG A 142 20.96 -29.64 -23.65
N TYR A 143 21.98 -29.92 -22.85
CA TYR A 143 22.84 -31.08 -23.11
C TYR A 143 22.01 -32.35 -23.09
N VAL A 144 21.16 -32.47 -22.06
CA VAL A 144 20.32 -33.65 -21.90
C VAL A 144 19.35 -33.81 -23.08
N LYS A 145 18.70 -32.71 -23.45
CA LYS A 145 17.70 -32.76 -24.51
C LYS A 145 18.30 -32.97 -25.91
N TYR A 146 19.44 -32.35 -26.16
CA TYR A 146 20.21 -32.55 -27.40
C TYR A 146 20.59 -34.02 -27.55
N ASN A 147 20.82 -34.65 -26.41
CA ASN A 147 21.23 -36.05 -26.33
C ASN A 147 20.10 -37.04 -26.07
N GLN A 148 18.86 -36.63 -26.34
CA GLN A 148 17.73 -37.53 -26.12
C GLN A 148 17.92 -38.97 -26.59
N GLY A 149 18.35 -39.16 -27.83
CA GLY A 149 18.45 -40.52 -28.30
C GLY A 149 19.56 -41.36 -27.68
N ARG A 150 20.52 -40.70 -27.02
CA ARG A 150 21.71 -41.40 -26.55
C ARG A 150 21.79 -41.50 -25.04
N LEU A 151 21.10 -40.60 -24.36
CA LEU A 151 21.17 -40.54 -22.93
C LEU A 151 19.96 -41.36 -22.49
N PRO A 152 20.16 -42.34 -21.62
CA PRO A 152 19.01 -43.10 -21.11
C PRO A 152 18.03 -42.15 -20.45
N GLY A 153 16.75 -42.49 -20.46
CA GLY A 153 15.77 -41.60 -19.91
C GLY A 153 15.07 -40.75 -20.96
N ASP A 154 13.86 -40.31 -20.63
CA ASP A 154 13.06 -39.51 -21.55
C ASP A 154 13.33 -38.04 -21.31
N ALA A 155 13.96 -37.40 -22.29
CA ALA A 155 14.32 -35.98 -22.18
C ALA A 155 13.11 -35.06 -22.11
N ASN A 156 11.92 -35.58 -22.40
CA ASN A 156 10.69 -34.82 -22.26
C ASN A 156 10.10 -35.02 -20.87
N ARG A 157 10.84 -35.75 -20.03
CA ARG A 157 10.41 -36.01 -18.65
C ARG A 157 11.41 -35.51 -17.61
N ILE A 158 12.02 -34.35 -17.88
CA ILE A 158 12.97 -33.77 -16.95
C ILE A 158 12.26 -33.04 -15.82
N ILE A 159 12.66 -33.40 -14.61
CA ILE A 159 12.14 -32.83 -13.38
C ILE A 159 13.31 -32.30 -12.56
N THR A 160 13.35 -30.98 -12.35
CA THR A 160 14.41 -30.37 -11.56
C THR A 160 14.09 -30.45 -10.07
N ASN A 161 15.11 -30.42 -9.24
CA ASN A 161 14.92 -30.42 -7.79
C ASN A 161 15.98 -29.59 -7.10
N GLY A 162 15.60 -28.89 -6.05
CA GLY A 162 16.53 -28.08 -5.29
C GLY A 162 15.95 -27.51 -4.02
N THR A 163 16.83 -27.02 -3.15
CA THR A 163 16.42 -26.44 -1.88
C THR A 163 16.98 -25.04 -1.79
N SER A 164 16.17 -24.13 -1.26
CA SER A 164 16.64 -22.76 -1.02
C SER A 164 16.93 -22.03 -2.33
N ALA A 165 18.14 -21.51 -2.48
CA ALA A 165 18.52 -20.89 -3.74
C ALA A 165 18.43 -21.93 -4.85
N GLY A 166 18.66 -23.19 -4.50
CA GLY A 166 18.53 -24.28 -5.45
C GLY A 166 17.07 -24.52 -5.80
N GLY A 167 16.18 -24.19 -4.87
CA GLY A 167 14.76 -24.27 -5.14
C GLY A 167 14.33 -23.18 -6.09
N ALA A 168 14.91 -22.00 -5.91
CA ALA A 168 14.71 -20.90 -6.84
C ALA A 168 15.24 -21.30 -8.22
N THR A 169 16.37 -22.00 -8.22
CA THR A 169 16.96 -22.46 -9.48
C THR A 169 16.03 -23.42 -10.19
N SER A 170 15.48 -24.38 -9.44
CA SER A 170 14.55 -25.34 -9.99
C SER A 170 13.30 -24.65 -10.52
N ALA A 171 12.75 -23.74 -9.73
CA ALA A 171 11.56 -22.98 -10.10
C ALA A 171 11.79 -22.11 -11.33
N LEU A 172 12.94 -21.47 -11.40
CA LEU A 172 13.25 -20.59 -12.53
C LEU A 172 13.41 -21.38 -13.82
N ALA A 173 14.03 -22.55 -13.72
CA ALA A 173 14.14 -23.45 -14.86
C ALA A 173 12.76 -23.83 -15.42
N GLY A 174 11.81 -24.08 -14.52
CA GLY A 174 10.48 -24.46 -14.94
C GLY A 174 9.70 -23.32 -15.56
N ALA A 175 9.92 -22.11 -15.06
CA ALA A 175 9.13 -20.94 -15.48
C ALA A 175 9.62 -20.33 -16.80
N SER A 176 10.91 -20.43 -17.05
CA SER A 176 11.59 -19.64 -18.08
C SER A 176 11.99 -20.40 -19.33
N GLY A 177 11.39 -21.56 -19.56
CA GLY A 177 11.79 -22.40 -20.68
C GLY A 177 11.86 -21.65 -22.00
N ASN A 178 13.04 -21.67 -22.60
CA ASN A 178 13.29 -21.11 -23.92
C ASN A 178 13.17 -19.58 -23.98
N SER A 179 13.28 -18.92 -22.83
CA SER A 179 13.29 -17.46 -22.77
C SER A 179 14.47 -16.93 -23.59
N ALA A 180 14.18 -15.97 -24.48
CA ALA A 180 15.20 -15.38 -25.35
C ALA A 180 16.30 -14.65 -24.58
N TYR A 181 15.97 -14.22 -23.36
CA TYR A 181 16.88 -13.43 -22.54
C TYR A 181 18.23 -14.11 -22.33
N PHE A 182 18.21 -15.43 -22.19
CA PHE A 182 19.41 -16.19 -21.85
C PHE A 182 20.20 -16.67 -23.05
N GLU A 183 19.67 -16.41 -24.25
CA GLU A 183 20.27 -16.94 -25.46
C GLU A 183 21.71 -16.43 -25.72
N PRO A 184 21.95 -15.12 -25.53
CA PRO A 184 23.33 -14.70 -25.75
C PRO A 184 24.32 -15.42 -24.84
N ALA A 185 23.96 -15.60 -23.57
CA ALA A 185 24.82 -16.29 -22.62
C ALA A 185 25.04 -17.75 -22.98
N LEU A 186 23.97 -18.43 -23.40
CA LEU A 186 24.08 -19.83 -23.74
C LEU A 186 24.90 -19.97 -25.02
N THR A 187 24.73 -19.02 -25.94
CA THR A 187 25.54 -19.00 -27.16
C THR A 187 27.01 -18.72 -26.88
N ALA A 188 27.28 -17.83 -25.95
CA ALA A 188 28.66 -17.47 -25.62
C ALA A 188 29.37 -18.65 -24.99
N LEU A 189 28.62 -19.46 -24.24
CA LEU A 189 29.15 -20.68 -23.63
C LEU A 189 29.30 -21.86 -24.58
N GLY A 190 28.66 -21.80 -25.74
CA GLY A 190 28.64 -22.95 -26.61
C GLY A 190 27.82 -24.11 -26.06
N ALA A 191 26.63 -23.80 -25.56
CA ALA A 191 25.72 -24.82 -25.06
C ALA A 191 25.15 -25.62 -26.22
N ALA A 192 24.65 -26.82 -25.94
CA ALA A 192 24.09 -27.68 -26.98
C ALA A 192 22.93 -26.97 -27.67
N PRO A 193 22.77 -27.19 -28.98
CA PRO A 193 21.67 -26.56 -29.72
C PRO A 193 20.33 -27.25 -29.51
N ALA A 194 19.67 -26.97 -28.39
CA ALA A 194 18.41 -27.62 -28.08
C ALA A 194 17.56 -26.72 -27.21
N THR A 195 16.34 -27.15 -26.89
CA THR A 195 15.50 -26.37 -26.00
C THR A 195 15.86 -26.63 -24.55
N ASP A 196 15.38 -25.77 -23.67
CA ASP A 196 15.57 -25.96 -22.24
C ASP A 196 14.30 -25.96 -21.40
N ASP A 197 13.14 -26.08 -22.02
CA ASP A 197 11.90 -26.24 -21.26
C ASP A 197 11.83 -27.63 -20.65
N ILE A 198 11.24 -27.72 -19.46
CA ILE A 198 11.18 -28.99 -18.75
C ILE A 198 9.76 -29.44 -18.43
N PHE A 199 9.65 -30.67 -17.91
CA PHE A 199 8.39 -31.35 -17.66
C PHE A 199 7.70 -31.02 -16.33
N ALA A 200 8.49 -30.97 -15.25
CA ALA A 200 7.92 -30.76 -13.93
C ALA A 200 8.93 -30.09 -13.01
N VAL A 201 8.42 -29.42 -11.98
CA VAL A 201 9.26 -28.72 -11.02
C VAL A 201 9.06 -29.24 -9.62
N SER A 202 10.16 -29.57 -8.96
CA SER A 202 10.17 -29.79 -7.53
C SER A 202 10.98 -28.68 -6.90
N ALA A 203 10.39 -27.99 -5.92
CA ALA A 203 11.12 -26.92 -5.24
C ALA A 203 10.87 -26.89 -3.74
N TYR A 204 11.97 -26.92 -2.99
CA TYR A 204 11.95 -26.76 -1.55
C TYR A 204 12.37 -25.36 -1.14
N CYS A 205 11.57 -24.72 -0.30
CA CYS A 205 11.85 -23.37 0.19
C CYS A 205 12.55 -22.51 -0.86
N PRO A 206 11.92 -22.32 -2.03
CA PRO A 206 12.64 -21.54 -3.04
C PRO A 206 12.90 -20.10 -2.60
N ILE A 207 14.17 -19.68 -2.57
CA ILE A 207 14.47 -18.30 -2.20
C ILE A 207 14.48 -17.49 -3.49
N HIS A 208 13.31 -16.94 -3.83
CA HIS A 208 13.09 -16.27 -5.10
C HIS A 208 12.30 -15.01 -4.84
N ASN A 209 11.95 -14.29 -5.91
CA ASN A 209 11.23 -13.04 -5.77
C ASN A 209 12.02 -12.10 -4.87
N LEU A 210 13.32 -12.02 -5.14
CA LEU A 210 14.24 -11.34 -4.24
C LEU A 210 13.89 -9.86 -4.06
N GLU A 211 13.39 -9.21 -5.10
CA GLU A 211 13.09 -7.79 -5.00
C GLU A 211 11.84 -7.51 -4.16
N HIS A 212 11.10 -8.54 -3.79
CA HIS A 212 9.95 -8.36 -2.90
C HIS A 212 10.08 -9.10 -1.56
N ALA A 213 11.20 -9.78 -1.38
CA ALA A 213 11.41 -10.61 -0.20
C ALA A 213 11.59 -9.80 1.09
N ASP A 214 12.13 -8.59 0.97
CA ASP A 214 12.30 -7.73 2.12
C ASP A 214 10.95 -7.29 2.68
N MET A 215 10.03 -6.97 1.77
CA MET A 215 8.70 -6.53 2.15
C MET A 215 7.91 -7.65 2.80
N ALA A 216 8.05 -8.84 2.25
CA ALA A 216 7.34 -10.01 2.76
C ALA A 216 7.90 -10.40 4.12
N TYR A 217 9.22 -10.35 4.26
CA TYR A 217 9.84 -10.76 5.50
C TYR A 217 9.39 -9.87 6.67
N GLU A 218 9.33 -8.57 6.43
CA GLU A 218 8.90 -7.63 7.48
C GLU A 218 7.40 -7.64 7.72
N TRP A 219 6.62 -7.88 6.67
CA TRP A 219 5.20 -8.10 6.86
C TRP A 219 4.98 -9.23 7.87
N GLN A 220 5.76 -10.29 7.74
CA GLN A 220 5.65 -11.44 8.61
C GLN A 220 6.24 -11.17 10.00
N PHE A 221 7.42 -10.54 10.03
CA PHE A 221 8.22 -10.47 11.25
C PHE A 221 8.31 -9.12 11.97
N ASN A 222 7.64 -8.09 11.46
CA ASN A 222 7.60 -6.83 12.17
C ASN A 222 6.97 -6.98 13.55
N GLY A 223 7.58 -6.37 14.56
CA GLY A 223 7.07 -6.49 15.93
C GLY A 223 7.91 -7.46 16.74
N ILE A 224 8.70 -8.26 16.03
CA ILE A 224 9.63 -9.16 16.69
C ILE A 224 10.99 -8.56 16.43
N ASN A 225 11.60 -8.04 17.49
CA ASN A 225 12.78 -7.20 17.35
C ASN A 225 14.14 -7.86 17.59
N ASP A 226 14.15 -9.10 18.03
CA ASP A 226 15.42 -9.81 18.15
C ASP A 226 15.57 -10.83 17.04
N TRP A 227 16.76 -10.92 16.47
CA TRP A 227 16.97 -11.95 15.46
C TRP A 227 18.06 -12.93 15.83
N HIS A 228 17.89 -14.19 15.43
CA HIS A 228 18.86 -15.18 15.81
C HIS A 228 19.16 -16.14 14.66
N ARG A 229 20.42 -16.18 14.23
CA ARG A 229 20.88 -17.08 13.17
C ARG A 229 22.31 -17.49 13.46
N TYR A 230 22.93 -17.88 12.35
CA TYR A 230 24.29 -18.37 12.15
C TYR A 230 24.93 -17.52 11.08
N VAL A 247 24.61 -16.98 16.33
CA VAL A 247 24.59 -15.60 16.81
C VAL A 247 23.18 -15.10 17.09
N SER A 248 23.03 -14.29 18.12
CA SER A 248 21.70 -13.83 18.52
C SER A 248 21.76 -12.33 18.81
N GLY A 249 21.13 -11.56 17.92
CA GLY A 249 21.05 -10.10 17.99
C GLY A 249 19.71 -9.44 18.27
N GLN A 250 19.73 -8.11 18.42
CA GLN A 250 18.52 -7.30 18.64
C GLN A 250 18.39 -6.18 17.61
N LEU A 251 17.18 -5.93 17.11
CA LEU A 251 17.00 -4.86 16.10
C LEU A 251 17.28 -3.46 16.62
N THR A 252 18.05 -2.69 15.84
CA THR A 252 18.27 -1.29 16.16
C THR A 252 17.05 -0.44 15.84
N VAL A 253 17.06 0.82 16.27
CA VAL A 253 15.96 1.72 15.98
C VAL A 253 15.80 1.99 14.49
N GLU A 254 16.92 2.11 13.79
CA GLU A 254 16.90 2.27 12.33
C GLU A 254 16.23 1.08 11.66
N GLU A 255 16.57 -0.13 12.13
CA GLU A 255 16.02 -1.34 11.55
C GLU A 255 14.54 -1.46 11.86
N GLN A 256 14.14 -1.05 13.06
CA GLN A 256 12.74 -1.09 13.44
C GLN A 256 11.95 -0.14 12.54
N ALA A 257 12.53 1.02 12.26
CA ALA A 257 11.94 2.00 11.37
C ALA A 257 11.77 1.47 9.96
N LEU A 258 12.84 0.92 9.40
CA LEU A 258 12.80 0.35 8.06
C LEU A 258 11.80 -0.81 8.00
N SER A 259 11.74 -1.59 9.08
CA SER A 259 10.85 -2.74 9.15
C SER A 259 9.38 -2.38 9.02
N LEU A 260 8.95 -1.35 9.76
CA LEU A 260 7.56 -0.95 9.74
C LEU A 260 7.16 -0.46 8.35
N ALA A 261 8.07 0.25 7.70
CA ALA A 261 7.82 0.76 6.35
C ALA A 261 7.78 -0.38 5.34
N LEU A 262 8.73 -1.30 5.45
CA LEU A 262 8.79 -2.46 4.57
C LEU A 262 7.52 -3.30 4.70
N LYS A 263 7.03 -3.49 5.91
CA LYS A 263 5.80 -4.21 6.12
C LYS A 263 4.64 -3.58 5.36
N ALA A 264 4.47 -2.26 5.51
CA ALA A 264 3.41 -1.54 4.81
C ALA A 264 3.46 -1.63 3.28
N GLN A 265 4.66 -1.51 2.72
CA GLN A 265 4.81 -1.60 1.27
C GLN A 265 4.31 -2.95 0.76
N PHE A 266 4.48 -3.99 1.57
CA PHE A 266 4.05 -5.31 1.14
C PHE A 266 2.56 -5.38 0.79
N SER A 267 1.71 -4.70 1.55
CA SER A 267 0.29 -4.73 1.26
C SER A 267 0.05 -4.18 -0.16
N THR A 268 0.72 -3.08 -0.48
CA THR A 268 0.57 -2.45 -1.78
C THR A 268 1.05 -3.41 -2.84
N TYR A 269 2.22 -4.01 -2.59
CA TYR A 269 2.77 -4.99 -3.51
C TYR A 269 1.90 -6.22 -3.64
N LEU A 270 1.22 -6.62 -2.57
CA LEU A 270 0.42 -7.84 -2.62
CA LEU A 270 0.43 -7.84 -2.65
C LEU A 270 -0.90 -7.64 -3.36
N ASN A 271 -1.54 -6.49 -3.13
CA ASN A 271 -2.88 -6.28 -3.65
C ASN A 271 -2.96 -6.21 -5.17
N GLN A 272 -1.93 -5.62 -5.78
CA GLN A 272 -1.87 -5.42 -7.21
C GLN A 272 -1.51 -6.70 -7.99
N LEU A 273 -1.09 -7.75 -7.28
CA LEU A 273 -0.81 -9.01 -7.95
C LEU A 273 -2.12 -9.63 -8.41
N LYS A 274 -3.22 -9.20 -7.82
CA LYS A 274 -4.54 -9.71 -8.17
C LYS A 274 -4.64 -11.23 -7.99
N LEU A 275 -4.02 -11.74 -6.93
CA LEU A 275 -4.08 -13.15 -6.60
C LEU A 275 -5.50 -13.54 -6.19
N THR A 276 -5.93 -14.72 -6.60
CA THR A 276 -7.29 -15.18 -6.28
C THR A 276 -7.34 -16.55 -5.61
N ALA A 277 -8.31 -16.69 -4.72
CA ALA A 277 -8.57 -17.95 -4.05
C ALA A 277 -9.33 -18.81 -5.03
N SER A 278 -9.66 -20.03 -4.63
CA SER A 278 -10.34 -20.95 -5.52
C SER A 278 -11.74 -20.47 -5.89
N ASP A 279 -12.36 -19.71 -4.99
CA ASP A 279 -13.68 -19.18 -5.30
C ASP A 279 -13.63 -17.95 -6.21
N GLY A 280 -12.42 -17.46 -6.51
CA GLY A 280 -12.29 -16.33 -7.41
C GLY A 280 -12.15 -14.98 -6.73
N THR A 281 -12.13 -14.98 -5.40
CA THR A 281 -12.01 -13.74 -4.64
C THR A 281 -10.63 -13.15 -4.74
N HIS A 282 -10.54 -11.83 -4.71
CA HIS A 282 -9.27 -11.14 -4.72
C HIS A 282 -8.65 -11.29 -3.32
N LEU A 283 -7.46 -11.86 -3.25
CA LEU A 283 -6.76 -11.98 -1.97
C LEU A 283 -6.03 -10.68 -1.65
N THR A 284 -6.33 -10.08 -0.50
CA THR A 284 -5.81 -8.74 -0.23
C THR A 284 -5.31 -8.52 1.20
N LEU A 285 -4.65 -7.38 1.39
CA LEU A 285 -4.24 -6.91 2.70
C LEU A 285 -4.62 -5.42 2.83
N ASN A 286 -5.00 -4.98 4.03
CA ASN A 286 -5.26 -3.55 4.26
C ASN A 286 -3.95 -2.88 4.67
N GLU A 287 -4.04 -1.62 5.10
CA GLU A 287 -2.84 -0.84 5.43
C GLU A 287 -2.07 -1.48 6.58
N ALA A 288 -2.75 -2.27 7.40
CA ALA A 288 -2.13 -2.89 8.56
C ALA A 288 -1.60 -4.31 8.29
N GLY A 289 -1.74 -4.78 7.05
CA GLY A 289 -1.26 -6.09 6.67
C GLY A 289 -2.19 -7.24 7.06
N MET A 290 -3.45 -6.90 7.28
CA MET A 290 -4.46 -7.88 7.65
C MET A 290 -5.45 -8.03 6.51
N GLY A 291 -6.05 -9.21 6.39
CA GLY A 291 -7.00 -9.44 5.31
C GLY A 291 -7.01 -10.87 4.81
N SER A 292 -7.74 -11.09 3.72
CA SER A 292 -7.94 -12.43 3.21
C SER A 292 -6.64 -13.15 2.83
N PHE A 293 -5.62 -12.41 2.38
CA PHE A 293 -4.35 -13.06 2.09
C PHE A 293 -3.68 -13.58 3.36
N ARG A 294 -3.70 -12.78 4.41
CA ARG A 294 -3.14 -13.22 5.68
C ARG A 294 -3.89 -14.44 6.19
N ASP A 295 -5.20 -14.46 5.96
CA ASP A 295 -6.05 -15.58 6.36
C ASP A 295 -5.66 -16.87 5.66
N VAL A 296 -5.28 -16.77 4.38
CA VAL A 296 -4.83 -17.91 3.61
C VAL A 296 -3.53 -18.51 4.18
N VAL A 297 -2.58 -17.64 4.49
CA VAL A 297 -1.33 -18.06 5.10
C VAL A 297 -1.64 -18.82 6.39
N ARG A 298 -2.52 -18.25 7.21
CA ARG A 298 -2.91 -18.88 8.46
C ARG A 298 -3.52 -20.27 8.23
N GLN A 299 -4.41 -20.39 7.25
CA GLN A 299 -5.06 -21.66 6.98
C GLN A 299 -4.08 -22.76 6.56
N LEU A 300 -3.06 -22.40 5.79
CA LEU A 300 -2.07 -23.37 5.37
C LEU A 300 -1.28 -23.86 6.58
N LEU A 301 -1.01 -22.97 7.53
CA LEU A 301 -0.32 -23.34 8.76
C LEU A 301 -1.23 -24.16 9.68
N ILE A 302 -2.52 -23.87 9.68
CA ILE A 302 -3.48 -24.64 10.46
C ILE A 302 -3.55 -26.03 9.87
N SER A 303 -3.59 -26.08 8.55
CA SER A 303 -3.68 -27.34 7.81
C SER A 303 -2.45 -28.19 8.12
N SER A 304 -1.30 -27.54 8.11
CA SER A 304 -0.03 -28.19 8.43
C SER A 304 -0.04 -28.80 9.83
N ALA A 305 -0.50 -28.01 10.80
CA ALA A 305 -0.60 -28.46 12.18
C ALA A 305 -1.54 -29.64 12.35
N GLN A 306 -2.66 -29.62 11.62
CA GLN A 306 -3.64 -30.68 11.73
C GLN A 306 -3.04 -32.00 11.28
N THR A 307 -2.28 -31.95 10.19
CA THR A 307 -1.63 -33.15 9.67
C THR A 307 -0.67 -33.71 10.70
N ALA A 308 0.10 -32.83 11.33
CA ALA A 308 1.04 -33.22 12.38
C ALA A 308 0.29 -33.71 13.61
N PHE A 309 -0.73 -32.96 14.00
CA PHE A 309 -1.57 -33.33 15.14
C PHE A 309 -2.15 -34.75 14.96
N ASP A 310 -2.61 -35.07 13.74
CA ASP A 310 -3.21 -36.36 13.41
C ASP A 310 -2.24 -37.53 13.52
N GLN A 311 -0.95 -37.19 13.53
CA GLN A 311 0.14 -38.16 13.60
C GLN A 311 0.68 -38.35 15.01
N GLY A 312 0.08 -37.62 15.95
CA GLY A 312 0.45 -37.71 17.36
C GLY A 312 1.52 -36.75 17.77
N THR A 313 1.77 -35.74 16.93
CA THR A 313 2.71 -34.67 17.24
C THR A 313 2.17 -33.65 18.23
N ASP A 314 3.05 -33.15 19.10
CA ASP A 314 2.67 -32.11 20.03
C ASP A 314 2.84 -30.75 19.37
N ILE A 315 1.73 -30.20 18.87
CA ILE A 315 1.81 -28.94 18.13
C ILE A 315 2.01 -27.74 19.03
N HIS A 316 1.78 -27.92 20.33
CA HIS A 316 1.92 -26.82 21.28
C HIS A 316 3.38 -26.57 21.62
N LYS A 317 4.27 -27.24 20.89
CA LYS A 317 5.67 -26.85 20.87
C LYS A 317 5.80 -25.39 20.52
N TYR A 318 4.91 -24.91 19.64
CA TYR A 318 4.89 -23.51 19.27
C TYR A 318 3.62 -22.88 19.82
N ALA A 319 3.66 -21.57 20.03
CA ALA A 319 2.52 -20.85 20.59
C ALA A 319 1.50 -20.51 19.50
N GLY A 320 0.27 -20.26 19.92
CA GLY A 320 -0.75 -19.67 19.07
C GLY A 320 -1.86 -20.59 18.57
N PHE A 321 -1.63 -21.90 18.59
CA PHE A 321 -2.61 -22.82 18.02
C PHE A 321 -3.79 -23.07 18.96
N VAL A 322 -5.00 -22.98 18.41
CA VAL A 322 -6.20 -23.31 19.17
C VAL A 322 -6.70 -24.69 18.78
N VAL A 323 -6.74 -25.60 19.76
CA VAL A 323 -7.22 -26.95 19.49
C VAL A 323 -8.54 -27.17 20.19
N THR A 324 -9.55 -27.57 19.42
CA THR A 324 -10.86 -27.88 19.96
C THR A 324 -11.18 -29.32 19.61
N GLY A 325 -11.33 -30.17 20.63
CA GLY A 325 -11.47 -31.59 20.42
C GLY A 325 -10.27 -32.20 19.69
N ASN A 326 -10.51 -32.82 18.54
CA ASN A 326 -9.43 -33.42 17.76
C ASN A 326 -9.01 -32.57 16.56
N GLN A 327 -9.45 -31.32 16.56
CA GLN A 327 -9.27 -30.43 15.43
C GLN A 327 -8.56 -29.11 15.76
N VAL A 328 -7.57 -28.73 14.95
CA VAL A 328 -7.00 -27.39 15.09
C VAL A 328 -7.97 -26.44 14.42
N THR A 329 -8.67 -25.64 15.22
CA THR A 329 -9.76 -24.81 14.70
C THR A 329 -9.34 -23.39 14.37
N ASP A 330 -8.22 -22.96 14.96
CA ASP A 330 -7.74 -21.61 14.73
C ASP A 330 -6.27 -21.47 15.10
N LEU A 331 -5.71 -20.29 14.82
CA LEU A 331 -4.30 -20.02 15.07
C LEU A 331 -4.07 -18.53 15.36
N ASP A 332 -3.38 -18.21 16.45
CA ASP A 332 -2.92 -16.84 16.65
C ASP A 332 -1.59 -16.68 15.91
N LEU A 333 -1.68 -16.09 14.73
CA LEU A 333 -0.54 -15.98 13.83
C LEU A 333 0.63 -15.22 14.46
N SER A 334 0.34 -14.11 15.13
CA SER A 334 1.39 -13.32 15.79
C SER A 334 2.14 -14.07 16.90
N ALA A 335 1.39 -14.83 17.70
CA ALA A 335 1.98 -15.64 18.77
C ALA A 335 2.87 -16.74 18.20
N TYR A 336 2.39 -17.38 17.13
CA TYR A 336 3.17 -18.42 16.48
C TYR A 336 4.48 -17.86 15.97
N LEU A 337 4.40 -16.72 15.29
CA LEU A 337 5.57 -16.11 14.67
C LEU A 337 6.57 -15.65 15.72
N LYS A 338 6.04 -15.17 16.84
CA LYS A 338 6.88 -14.79 17.96
C LYS A 338 7.65 -15.98 18.55
N SER A 339 7.04 -17.16 18.58
CA SER A 339 7.68 -18.34 19.15
C SER A 339 8.72 -18.94 18.19
N LEU A 340 8.53 -18.66 16.91
CA LEU A 340 9.24 -19.31 15.83
C LEU A 340 10.55 -18.52 15.85
N THR A 341 10.35 -17.23 16.12
CA THR A 341 11.26 -16.10 16.19
C THR A 341 11.70 -15.57 14.84
N ARG A 342 12.94 -15.08 14.74
CA ARG A 342 13.30 -14.28 13.57
C ARG A 342 14.73 -14.54 13.25
N MET A 343 15.00 -14.77 11.98
CA MET A 343 16.32 -15.23 11.61
C MET A 343 17.18 -14.10 11.06
N LYS A 344 16.63 -13.33 10.13
CA LYS A 344 17.40 -12.32 9.41
C LYS A 344 17.07 -10.92 9.94
N ALA A 345 18.05 -10.01 9.80
CA ALA A 345 17.89 -8.61 10.17
C ALA A 345 17.21 -7.80 9.09
N VAL A 346 17.30 -6.48 9.16
CA VAL A 346 16.53 -5.64 8.24
C VAL A 346 17.45 -4.69 7.47
N PRO A 347 17.26 -4.63 6.14
CA PRO A 347 16.41 -5.54 5.37
C PRO A 347 17.01 -6.94 5.35
N ALA A 348 16.18 -7.96 5.17
CA ALA A 348 16.64 -9.35 5.26
C ALA A 348 17.43 -9.82 4.04
N PHE A 349 17.17 -9.23 2.89
CA PHE A 349 17.77 -9.66 1.62
C PHE A 349 18.64 -8.57 1.01
N ASP A 350 18.09 -7.39 0.80
CA ASP A 350 18.92 -6.31 0.28
C ASP A 350 19.43 -5.48 1.46
N GLN A 351 20.59 -5.90 1.97
CA GLN A 351 21.24 -5.25 3.10
C GLN A 351 21.75 -3.88 2.68
N LEU A 352 21.59 -2.88 3.53
CA LEU A 352 21.97 -1.53 3.18
C LEU A 352 23.49 -1.46 2.99
N ASP A 353 24.21 -2.37 3.63
CA ASP A 353 25.66 -2.38 3.55
C ASP A 353 26.15 -3.43 2.55
N LEU A 354 25.21 -4.01 1.81
CA LEU A 354 25.57 -4.96 0.75
C LEU A 354 26.17 -6.27 1.22
N THR A 355 25.89 -6.68 2.45
CA THR A 355 26.57 -7.84 3.05
C THR A 355 25.83 -9.17 2.91
N SER A 356 24.71 -9.20 2.20
CA SER A 356 23.94 -10.44 2.08
C SER A 356 24.40 -11.32 0.92
N PRO A 357 24.05 -12.62 0.98
CA PRO A 357 24.32 -13.52 -0.15
C PRO A 357 23.70 -12.96 -1.43
N GLU A 358 22.49 -12.41 -1.32
CA GLU A 358 21.81 -11.87 -2.51
C GLU A 358 22.45 -10.60 -3.06
N ASN A 359 22.97 -9.75 -2.18
CA ASN A 359 23.74 -8.61 -2.63
C ASN A 359 24.90 -9.07 -3.48
N ASN A 360 25.59 -10.10 -3.01
CA ASN A 360 26.75 -10.64 -3.69
C ASN A 360 26.35 -11.32 -4.98
N LEU A 361 25.21 -12.02 -4.95
CA LEU A 361 24.64 -12.60 -6.16
C LEU A 361 24.47 -11.55 -7.26
N PHE A 362 24.01 -10.36 -6.90
CA PHE A 362 23.71 -9.32 -7.89
C PHE A 362 24.91 -8.42 -8.22
N GLY A 363 26.07 -8.73 -7.66
CA GLY A 363 27.29 -8.07 -8.06
C GLY A 363 27.70 -8.53 -9.46
N ASP A 364 28.84 -8.05 -9.94
CA ASP A 364 29.38 -8.55 -11.20
C ASP A 364 30.89 -8.55 -11.15
N ALA A 365 31.53 -8.73 -12.29
CA ALA A 365 32.98 -8.81 -12.26
C ALA A 365 33.67 -7.55 -11.72
N THR A 366 33.05 -6.39 -11.85
CA THR A 366 33.56 -5.18 -11.19
C THR A 366 33.12 -4.95 -9.73
N ALA A 367 31.83 -5.16 -9.49
CA ALA A 367 31.21 -4.87 -8.20
C ALA A 367 30.87 -6.14 -7.47
N LYS A 368 31.37 -6.26 -6.24
CA LYS A 368 31.17 -7.47 -5.48
C LYS A 368 29.71 -7.70 -5.16
N ALA A 369 28.99 -6.61 -4.98
CA ALA A 369 27.58 -6.68 -4.60
C ALA A 369 26.81 -5.47 -5.10
N LYS A 370 25.52 -5.63 -5.30
CA LYS A 370 24.66 -4.51 -5.67
C LYS A 370 23.36 -4.58 -4.91
N HIS A 371 22.65 -3.47 -4.88
CA HIS A 371 21.29 -3.50 -4.39
C HIS A 371 20.38 -3.98 -5.50
N PHE A 372 19.19 -4.46 -5.13
CA PHE A 372 18.21 -4.90 -6.11
C PHE A 372 16.80 -4.36 -5.83
N THR A 373 16.74 -3.37 -4.95
CA THR A 373 15.49 -2.65 -4.65
C THR A 373 15.74 -1.16 -4.52
N ALA A 374 14.74 -0.34 -4.85
CA ALA A 374 14.87 1.10 -4.75
C ALA A 374 15.05 1.56 -3.31
N LEU A 375 14.37 0.92 -2.38
CA LEU A 375 14.45 1.34 -0.98
C LEU A 375 15.85 1.20 -0.41
N ALA A 376 16.49 0.06 -0.66
CA ALA A 376 17.82 -0.21 -0.12
C ALA A 376 18.88 0.60 -0.85
N GLN A 377 18.66 0.91 -2.13
CA GLN A 377 19.57 1.76 -2.88
C GLN A 377 19.49 3.17 -2.33
N THR A 378 18.27 3.66 -2.14
CA THR A 378 18.09 5.01 -1.62
C THR A 378 18.65 5.15 -0.21
N ARG A 379 18.56 4.09 0.58
CA ARG A 379 19.01 4.13 1.96
C ARG A 379 20.34 3.43 2.22
N SER A 380 21.09 3.19 1.15
CA SER A 380 22.36 2.48 1.26
C SER A 380 23.34 3.16 2.19
N THR A 381 24.03 2.35 2.98
CA THR A 381 25.04 2.85 3.92
C THR A 381 26.45 2.71 3.35
N VAL A 382 26.54 2.16 2.14
CA VAL A 382 27.83 2.11 1.45
C VAL A 382 27.58 2.57 0.04
N THR A 383 28.63 3.03 -0.64
CA THR A 383 28.50 3.40 -2.05
C THR A 383 28.11 2.16 -2.84
N ALA A 384 27.15 2.32 -3.73
CA ALA A 384 26.57 1.16 -4.38
C ALA A 384 25.82 1.53 -5.64
N GLN A 385 25.67 0.54 -6.51
CA GLN A 385 24.86 0.69 -7.71
C GLN A 385 23.72 -0.29 -7.60
N LEU A 386 22.66 -0.03 -8.36
CA LEU A 386 21.48 -0.87 -8.41
C LEU A 386 21.67 -1.83 -9.58
N ALA A 387 21.33 -3.10 -9.37
CA ALA A 387 21.43 -4.07 -10.44
C ALA A 387 20.47 -3.73 -11.57
N ASP A 388 20.84 -4.17 -12.76
CA ASP A 388 20.05 -3.96 -13.96
C ASP A 388 18.64 -4.51 -13.74
N ALA A 389 17.64 -3.69 -14.09
CA ALA A 389 16.24 -4.07 -13.83
C ALA A 389 15.78 -5.30 -14.61
N GLU A 390 16.32 -5.45 -15.82
CA GLU A 390 15.99 -6.58 -16.68
C GLU A 390 16.51 -7.90 -16.08
N LEU A 391 17.68 -7.82 -15.46
CA LEU A 391 18.30 -8.96 -14.82
C LEU A 391 17.51 -9.40 -13.58
N ILE A 392 17.11 -8.45 -12.76
CA ILE A 392 16.31 -8.74 -11.57
C ILE A 392 15.02 -9.45 -11.97
N GLN A 393 14.36 -8.92 -12.99
CA GLN A 393 13.14 -9.52 -13.52
C GLN A 393 13.41 -10.92 -14.07
N ALA A 394 14.51 -11.06 -14.80
CA ALA A 394 14.85 -12.31 -15.47
C ALA A 394 15.07 -13.50 -14.53
N ILE A 395 15.55 -13.25 -13.32
CA ILE A 395 15.82 -14.36 -12.41
C ILE A 395 14.69 -14.59 -11.42
N ASN A 396 13.59 -13.86 -11.59
CA ASN A 396 12.39 -14.04 -10.78
C ASN A 396 11.38 -14.92 -11.53
N PRO A 397 11.09 -16.13 -10.99
CA PRO A 397 10.14 -17.05 -11.64
C PRO A 397 8.77 -16.45 -11.93
N LEU A 398 8.33 -15.52 -11.08
CA LEU A 398 6.99 -14.93 -11.24
C LEU A 398 6.88 -14.19 -12.56
N SER A 399 8.01 -13.68 -13.05
CA SER A 399 8.05 -12.89 -14.28
C SER A 399 7.48 -13.62 -15.49
N TYR A 400 7.55 -14.94 -15.46
CA TYR A 400 7.16 -15.74 -16.61
C TYR A 400 5.72 -16.26 -16.44
N LEU A 401 5.14 -16.02 -15.27
CA LEU A 401 3.88 -16.64 -14.93
C LEU A 401 2.69 -15.68 -15.00
N THR A 402 2.82 -14.60 -15.75
CA THR A 402 1.71 -13.69 -15.92
C THR A 402 0.78 -14.23 -17.01
N THR A 403 1.18 -15.35 -17.60
CA THR A 403 0.45 -15.91 -18.72
C THR A 403 0.60 -17.43 -18.73
N THR A 404 -0.26 -18.11 -19.46
CA THR A 404 -0.16 -19.54 -19.78
C THR A 404 0.62 -19.87 -21.06
N SER A 405 1.92 -20.20 -20.98
CA SER A 405 2.65 -20.68 -22.16
C SER A 405 3.01 -22.18 -22.23
N SER A 406 3.49 -22.60 -23.40
CA SER A 406 4.12 -23.91 -23.59
C SER A 406 5.47 -24.06 -22.90
N GLN A 407 6.17 -22.95 -22.74
CA GLN A 407 7.55 -22.97 -22.28
C GLN A 407 7.62 -23.09 -20.76
N VAL A 408 6.49 -22.83 -20.10
CA VAL A 408 6.39 -22.97 -18.66
C VAL A 408 5.98 -24.41 -18.33
N ALA A 409 6.68 -25.07 -17.42
CA ALA A 409 6.30 -26.43 -16.98
C ALA A 409 4.86 -26.53 -16.47
N LYS A 410 4.17 -27.63 -16.77
CA LYS A 410 2.76 -27.81 -16.39
C LYS A 410 2.61 -28.26 -14.94
N HIS A 411 3.65 -28.84 -14.35
CA HIS A 411 3.49 -29.53 -13.08
C HIS A 411 4.49 -29.03 -12.04
N TRP A 412 3.96 -28.62 -10.90
CA TRP A 412 4.77 -28.02 -9.85
C TRP A 412 4.51 -28.66 -8.50
N ARG A 413 5.58 -28.91 -7.76
CA ARG A 413 5.47 -29.35 -6.38
C ARG A 413 6.37 -28.50 -5.48
N ILE A 414 5.76 -27.73 -4.60
CA ILE A 414 6.52 -26.80 -3.79
C ILE A 414 6.33 -27.11 -2.31
N ARG A 415 7.42 -27.08 -1.56
CA ARG A 415 7.35 -27.30 -0.12
C ARG A 415 8.16 -26.22 0.60
N HIS A 416 7.62 -25.75 1.71
CA HIS A 416 8.36 -24.83 2.59
C HIS A 416 7.99 -25.20 4.03
N GLY A 417 8.97 -25.53 4.87
CA GLY A 417 8.65 -26.01 6.21
C GLY A 417 7.90 -24.98 7.02
N ALA A 418 6.96 -25.45 7.85
CA ALA A 418 6.16 -24.54 8.68
C ALA A 418 6.95 -23.86 9.80
N ALA A 419 8.15 -24.36 10.05
CA ALA A 419 9.10 -23.80 11.02
C ALA A 419 10.30 -23.09 10.35
N ASP A 420 10.18 -22.80 9.06
CA ASP A 420 11.25 -22.22 8.25
C ASP A 420 11.24 -20.71 8.18
N ARG A 421 12.29 -20.10 8.73
CA ARG A 421 12.37 -18.65 8.80
C ARG A 421 13.37 -18.05 7.80
N ASP A 422 13.80 -18.83 6.80
CA ASP A 422 14.75 -18.32 5.83
C ASP A 422 14.12 -17.32 4.85
N THR A 423 12.81 -17.42 4.65
CA THR A 423 12.02 -16.44 3.91
C THR A 423 10.57 -16.44 4.39
N SER A 424 9.82 -15.36 4.16
CA SER A 424 8.43 -15.34 4.61
C SER A 424 7.64 -16.45 3.94
N PHE A 425 6.65 -16.98 4.65
CA PHE A 425 5.75 -17.97 4.07
C PHE A 425 5.05 -17.40 2.83
N ALA A 426 4.86 -16.09 2.82
CA ALA A 426 4.18 -15.44 1.71
C ALA A 426 4.87 -15.65 0.36
N ILE A 427 6.20 -15.81 0.38
CA ILE A 427 6.96 -15.90 -0.87
C ILE A 427 6.63 -17.16 -1.67
N PRO A 428 6.82 -18.35 -1.07
CA PRO A 428 6.41 -19.56 -1.80
C PRO A 428 4.90 -19.64 -2.03
N ILE A 429 4.12 -19.08 -1.12
CA ILE A 429 2.67 -19.09 -1.26
C ILE A 429 2.19 -18.29 -2.48
N ILE A 430 2.79 -17.13 -2.67
CA ILE A 430 2.48 -16.29 -3.83
C ILE A 430 2.76 -17.05 -5.12
N LEU A 431 3.91 -17.70 -5.17
CA LEU A 431 4.29 -18.52 -6.31
C LEU A 431 3.22 -19.58 -6.58
N ALA A 432 2.86 -20.33 -5.54
CA ALA A 432 1.88 -21.40 -5.67
C ALA A 432 0.53 -20.89 -6.16
N ILE A 433 0.08 -19.76 -5.62
CA ILE A 433 -1.23 -19.23 -5.99
C ILE A 433 -1.18 -18.69 -7.42
N MET A 434 -0.10 -18.02 -7.80
CA MET A 434 0.04 -17.53 -9.17
C MET A 434 0.03 -18.72 -10.13
N LEU A 435 0.71 -19.80 -9.76
CA LEU A 435 0.72 -20.99 -10.61
C LEU A 435 -0.71 -21.48 -10.74
N GLU A 436 -1.41 -21.63 -9.62
CA GLU A 436 -2.80 -22.09 -9.66
C GLU A 436 -3.66 -21.15 -10.51
N ASN A 437 -3.55 -19.84 -10.26
CA ASN A 437 -4.38 -18.87 -10.94
C ASN A 437 -4.21 -18.87 -12.46
N HIS A 438 -3.01 -19.24 -12.91
CA HIS A 438 -2.72 -19.23 -14.33
C HIS A 438 -2.83 -20.62 -14.96
N GLY A 439 -3.38 -21.55 -14.18
CA GLY A 439 -3.76 -22.86 -14.69
C GLY A 439 -2.69 -23.95 -14.73
N TYR A 440 -1.58 -23.74 -14.05
CA TYR A 440 -0.54 -24.76 -13.97
C TYR A 440 -0.87 -25.75 -12.86
N GLY A 441 -0.37 -26.98 -12.96
CA GLY A 441 -0.51 -27.96 -11.89
C GLY A 441 0.38 -27.59 -10.72
N ILE A 442 -0.23 -27.44 -9.54
CA ILE A 442 0.52 -27.09 -8.33
C ILE A 442 0.12 -27.85 -7.07
N ASP A 443 1.11 -28.52 -6.49
CA ASP A 443 0.99 -29.28 -5.25
C ASP A 443 1.81 -28.57 -4.20
N PHE A 444 1.15 -27.96 -3.21
CA PHE A 444 1.85 -27.08 -2.29
C PHE A 444 1.53 -27.46 -0.85
N ALA A 445 2.52 -27.35 0.03
CA ALA A 445 2.29 -27.58 1.45
C ALA A 445 3.38 -26.96 2.31
N LEU A 446 3.05 -26.75 3.59
CA LEU A 446 4.03 -26.33 4.56
C LEU A 446 4.20 -27.45 5.57
N PRO A 447 5.11 -28.40 5.30
CA PRO A 447 5.22 -29.56 6.17
C PRO A 447 5.60 -29.13 7.59
N TRP A 448 4.93 -29.69 8.59
CA TRP A 448 5.13 -29.28 9.98
C TRP A 448 6.53 -29.39 10.56
N ASP A 449 6.98 -28.34 11.23
CA ASP A 449 8.22 -28.36 12.01
C ASP A 449 9.51 -28.81 11.28
N ILE A 450 9.52 -28.54 9.98
CA ILE A 450 10.65 -28.78 9.09
C ILE A 450 11.52 -27.52 9.06
N PRO A 451 12.83 -27.70 9.29
CA PRO A 451 13.86 -26.64 9.30
C PRO A 451 14.29 -26.25 7.88
N HIS A 452 15.32 -25.41 7.74
CA HIS A 452 15.78 -25.07 6.40
C HIS A 452 16.35 -26.35 5.80
N SER A 453 15.65 -26.87 4.81
CA SER A 453 15.97 -28.18 4.25
C SER A 453 15.10 -28.62 3.08
N GLY A 454 15.45 -29.77 2.51
CA GLY A 454 14.68 -30.36 1.44
C GLY A 454 14.86 -31.86 1.48
N ASP A 455 14.16 -32.56 0.60
CA ASP A 455 14.32 -33.99 0.41
C ASP A 455 14.05 -34.85 1.66
N TYR A 456 13.18 -34.37 2.55
CA TYR A 456 12.89 -35.10 3.79
C TYR A 456 11.59 -35.91 3.63
N ASP A 457 11.01 -35.78 2.44
CA ASP A 457 9.71 -36.36 2.08
C ASP A 457 9.69 -37.20 0.80
N LEU A 458 10.75 -37.94 0.53
CA LEU A 458 10.90 -38.60 -0.77
C LEU A 458 9.76 -39.53 -1.17
N GLY A 459 9.16 -40.21 -0.21
CA GLY A 459 8.02 -41.06 -0.54
C GLY A 459 6.99 -40.23 -1.27
N ASP A 460 6.73 -39.01 -0.79
CA ASP A 460 5.73 -38.14 -1.42
C ASP A 460 6.20 -37.48 -2.71
N LEU A 461 7.45 -37.03 -2.76
CA LEU A 461 7.97 -36.46 -4.00
C LEU A 461 7.90 -37.50 -5.12
N PHE A 462 8.34 -38.73 -4.83
CA PHE A 462 8.37 -39.79 -5.83
C PHE A 462 6.99 -40.31 -6.25
N SER A 463 6.04 -40.33 -5.32
CA SER A 463 4.67 -40.72 -5.65
C SER A 463 4.06 -39.68 -6.57
N TRP A 464 4.41 -38.43 -6.30
CA TRP A 464 3.99 -37.31 -7.13
C TRP A 464 4.57 -37.42 -8.54
N ILE A 465 5.88 -37.67 -8.62
CA ILE A 465 6.56 -37.85 -9.90
C ILE A 465 5.93 -39.01 -10.68
N ASP A 466 5.72 -40.13 -9.99
CA ASP A 466 5.14 -41.33 -10.58
C ASP A 466 3.73 -41.05 -11.09
N GLY A 467 3.01 -40.23 -10.33
CA GLY A 467 1.68 -39.78 -10.65
C GLY A 467 1.56 -39.04 -11.99
N LEU A 468 2.61 -38.30 -12.35
CA LEU A 468 2.59 -37.55 -13.58
C LEU A 468 2.91 -38.43 -14.79
N CYS A 469 3.73 -39.45 -14.57
CA CYS A 469 4.36 -40.10 -15.71
C CYS A 469 3.83 -41.48 -16.09
N GLN A 470 3.28 -42.20 -15.13
CA GLN A 470 2.81 -43.57 -15.35
C GLN A 470 1.46 -43.76 -16.07
N SER B 1 -37.06 25.68 24.96
CA SER B 1 -38.15 24.80 25.36
C SER B 1 -39.08 24.52 24.19
N MET B 2 -40.11 23.72 24.43
CA MET B 2 -41.10 23.43 23.40
C MET B 2 -41.95 24.66 23.07
N SER B 3 -41.85 25.68 23.90
CA SER B 3 -42.49 26.97 23.64
C SER B 3 -41.88 27.73 22.45
N ASN B 4 -40.63 27.44 22.14
CA ASN B 4 -39.97 27.98 20.96
C ASN B 4 -40.51 27.31 19.72
N ARG B 5 -41.30 28.06 18.95
CA ARG B 5 -41.98 27.47 17.80
C ARG B 5 -41.10 27.41 16.56
N LEU B 6 -39.92 28.00 16.65
CA LEU B 6 -38.97 28.01 15.54
C LEU B 6 -39.55 28.68 14.29
N ILE B 7 -40.40 29.69 14.50
CA ILE B 7 -41.01 30.44 13.41
C ILE B 7 -40.30 31.78 13.25
N PHE B 8 -39.68 32.00 12.10
CA PHE B 8 -39.05 33.28 11.80
C PHE B 8 -40.10 34.34 11.53
N ASP B 9 -39.86 35.54 12.06
CA ASP B 9 -40.75 36.66 11.82
C ASP B 9 -39.91 37.74 11.15
N ALA B 10 -40.29 38.08 9.92
CA ALA B 10 -39.56 39.09 9.15
C ALA B 10 -39.61 40.47 9.80
N ASP B 11 -40.54 40.65 10.73
CA ASP B 11 -40.62 41.90 11.48
C ASP B 11 -39.41 42.04 12.40
N TRP B 12 -38.65 40.96 12.54
CA TRP B 12 -37.44 41.00 13.34
C TRP B 12 -36.30 41.73 12.61
N LEU B 13 -36.40 41.84 11.28
CA LEU B 13 -35.33 42.43 10.49
C LEU B 13 -35.23 43.94 10.74
N VAL B 14 -34.01 44.41 10.99
CA VAL B 14 -33.77 45.81 11.25
C VAL B 14 -32.74 46.39 10.27
N PRO B 15 -32.96 47.64 9.82
CA PRO B 15 -32.07 48.22 8.81
C PRO B 15 -30.69 48.59 9.34
N GLU B 16 -29.66 48.25 8.57
CA GLU B 16 -28.29 48.59 8.93
C GLU B 16 -27.49 48.87 7.67
N GLN B 17 -26.32 49.47 7.83
CA GLN B 17 -25.37 49.58 6.73
C GLN B 17 -23.95 49.41 7.24
N VAL B 18 -23.04 49.02 6.34
CA VAL B 18 -21.63 48.98 6.65
C VAL B 18 -20.89 49.91 5.69
N GLN B 19 -20.04 50.76 6.26
CA GLN B 19 -19.22 51.65 5.46
C GLN B 19 -17.77 51.18 5.48
N VAL B 20 -17.35 50.62 4.35
CA VAL B 20 -15.99 50.10 4.23
C VAL B 20 -15.45 50.28 2.82
N ALA B 21 -14.17 50.61 2.71
CA ALA B 21 -13.50 50.68 1.42
C ALA B 21 -14.29 51.48 0.38
N GLY B 22 -14.90 52.59 0.80
CA GLY B 22 -15.59 53.46 -0.12
C GLY B 22 -16.97 52.96 -0.53
N GLN B 23 -17.44 51.90 0.12
CA GLN B 23 -18.76 51.36 -0.17
C GLN B 23 -19.71 51.62 0.98
N ALA B 24 -21.01 51.58 0.68
CA ALA B 24 -22.02 51.67 1.72
C ALA B 24 -23.02 50.56 1.45
N ILE B 25 -22.90 49.45 2.18
CA ILE B 25 -23.73 48.30 1.90
C ILE B 25 -24.91 48.25 2.88
N GLN B 26 -26.12 48.27 2.33
CA GLN B 26 -27.33 48.32 3.15
C GLN B 26 -27.98 46.95 3.28
N TYR B 27 -28.40 46.60 4.49
CA TYR B 27 -29.01 45.30 4.71
C TYR B 27 -29.92 45.35 5.92
N TYR B 28 -30.65 44.27 6.15
CA TYR B 28 -31.40 44.10 7.39
C TYR B 28 -30.85 42.95 8.19
N ALA B 29 -30.89 43.07 9.51
CA ALA B 29 -30.30 42.08 10.38
C ALA B 29 -31.31 41.59 11.41
N ALA B 30 -31.27 40.29 11.68
CA ALA B 30 -32.00 39.69 12.79
C ALA B 30 -31.05 38.76 13.50
N ARG B 31 -30.71 39.10 14.74
CA ARG B 31 -29.64 38.38 15.43
C ARG B 31 -30.14 37.47 16.55
N ASN B 32 -29.33 36.48 16.87
CA ASN B 32 -29.52 35.65 18.06
C ASN B 32 -30.82 34.86 18.04
N ILE B 33 -31.16 34.28 16.90
CA ILE B 33 -32.36 33.48 16.80
C ILE B 33 -31.96 32.08 17.27
N GLN B 34 -32.68 31.57 18.28
CA GLN B 34 -32.42 30.22 18.79
C GLN B 34 -33.01 29.26 17.78
N TYR B 35 -32.14 28.51 17.10
CA TYR B 35 -32.59 27.68 15.99
C TYR B 35 -32.97 26.23 16.37
N VAL B 36 -32.86 25.88 17.65
CA VAL B 36 -33.45 24.64 18.17
C VAL B 36 -34.28 24.86 19.43
N GLN B 37 -35.11 23.88 19.76
CA GLN B 37 -35.98 24.00 20.94
C GLN B 37 -35.21 23.71 22.21
N HIS B 38 -34.18 22.85 22.11
CA HIS B 38 -33.45 22.41 23.28
C HIS B 38 -31.93 22.57 23.15
N PRO B 39 -31.45 23.81 23.03
CA PRO B 39 -30.01 24.02 22.91
C PRO B 39 -29.29 23.64 24.19
N VAL B 40 -28.06 23.12 24.08
CA VAL B 40 -27.27 22.79 25.25
C VAL B 40 -26.16 23.81 25.51
N ALA B 41 -26.03 24.77 24.61
CA ALA B 41 -24.96 25.76 24.68
C ALA B 41 -25.40 27.11 24.12
N ALA B 42 -24.91 28.17 24.74
CA ALA B 42 -25.26 29.54 24.35
C ALA B 42 -24.90 29.84 22.90
N ILE B 43 -23.92 29.14 22.37
CA ILE B 43 -23.42 29.44 21.03
C ILE B 43 -24.43 29.06 19.95
N GLN B 44 -25.42 28.24 20.30
CA GLN B 44 -26.33 27.77 19.25
C GLN B 44 -27.42 28.80 18.96
N VAL B 45 -27.03 29.89 18.31
CA VAL B 45 -27.95 30.88 17.77
C VAL B 45 -27.52 31.19 16.35
N LEU B 46 -28.41 31.81 15.58
CA LEU B 46 -28.02 32.24 14.25
C LEU B 46 -28.39 33.68 13.97
N ASN B 47 -27.71 34.28 12.99
CA ASN B 47 -28.00 35.62 12.55
C ASN B 47 -28.49 35.55 11.12
N VAL B 48 -29.45 36.41 10.77
CA VAL B 48 -29.96 36.47 9.42
C VAL B 48 -29.69 37.84 8.84
N PHE B 49 -29.08 37.88 7.67
CA PHE B 49 -28.82 39.16 7.01
C PHE B 49 -29.36 39.17 5.59
N VAL B 50 -30.10 40.22 5.26
CA VAL B 50 -30.84 40.30 4.02
C VAL B 50 -30.57 41.63 3.32
N PRO B 51 -30.22 41.57 2.02
CA PRO B 51 -30.02 42.79 1.25
C PRO B 51 -31.24 43.71 1.38
N ALA B 52 -31.01 45.01 1.55
CA ALA B 52 -32.09 45.95 1.84
C ALA B 52 -33.17 45.99 0.77
N ALA B 53 -32.79 45.77 -0.48
CA ALA B 53 -33.72 45.84 -1.61
C ALA B 53 -34.92 44.91 -1.45
N TYR B 54 -34.69 43.80 -0.75
CA TYR B 54 -35.69 42.74 -0.60
C TYR B 54 -36.78 43.02 0.41
N LEU B 55 -36.66 44.10 1.18
CA LEU B 55 -37.75 44.40 2.08
C LEU B 55 -38.71 45.37 1.44
N HIS B 56 -38.36 45.81 0.23
CA HIS B 56 -39.14 46.79 -0.51
C HIS B 56 -39.66 46.25 -1.85
N GLY B 57 -39.49 44.95 -2.05
CA GLY B 57 -39.87 44.29 -3.28
C GLY B 57 -39.06 44.62 -4.50
N SER B 58 -37.79 44.96 -4.29
CA SER B 58 -36.91 45.38 -5.37
C SER B 58 -35.92 44.23 -5.58
N SER B 59 -34.92 44.43 -6.44
CA SER B 59 -34.00 43.32 -6.73
C SER B 59 -32.52 43.71 -6.68
N VAL B 60 -31.68 42.68 -6.59
CA VAL B 60 -30.24 42.85 -6.62
C VAL B 60 -29.60 41.83 -7.55
N ASN B 61 -28.92 42.34 -8.56
CA ASN B 61 -28.25 41.53 -9.54
C ASN B 61 -29.16 40.44 -10.09
N GLY B 62 -30.43 40.80 -10.26
CA GLY B 62 -31.42 39.89 -10.82
C GLY B 62 -32.15 39.06 -9.77
N TYR B 63 -31.56 38.97 -8.59
CA TYR B 63 -32.18 38.21 -7.50
C TYR B 63 -33.27 39.03 -6.80
N GLN B 64 -34.25 38.34 -6.21
CA GLN B 64 -35.32 38.98 -5.43
C GLN B 64 -35.56 38.28 -4.09
N ARG B 65 -36.45 38.83 -3.27
CA ARG B 65 -36.72 38.30 -1.93
C ARG B 65 -36.97 36.79 -1.90
N ALA B 66 -37.70 36.26 -2.88
CA ALA B 66 -38.03 34.84 -2.82
C ALA B 66 -37.01 33.93 -3.53
N THR B 67 -36.13 34.56 -4.31
CA THR B 67 -35.23 33.80 -5.17
C THR B 67 -33.74 33.88 -4.86
N ALA B 68 -33.37 34.76 -3.97
CA ALA B 68 -31.98 34.92 -3.70
C ALA B 68 -31.35 33.69 -3.09
N PRO B 69 -30.10 33.41 -3.46
CA PRO B 69 -29.34 32.35 -2.80
C PRO B 69 -29.18 32.60 -1.37
N ILE B 70 -29.11 31.54 -0.57
CA ILE B 70 -28.82 31.72 0.82
C ILE B 70 -27.44 31.19 1.13
N LEU B 71 -26.51 32.10 1.39
CA LEU B 71 -25.17 31.71 1.79
C LEU B 71 -25.19 31.40 3.26
N MET B 72 -24.67 30.23 3.62
CA MET B 72 -24.59 29.85 5.02
C MET B 72 -23.13 29.61 5.38
N PRO B 73 -22.40 30.69 5.69
CA PRO B 73 -20.99 30.57 6.05
C PRO B 73 -20.86 30.15 7.50
N ASN B 74 -19.73 29.52 7.83
CA ASN B 74 -19.46 29.20 9.21
C ASN B 74 -18.08 29.67 9.61
N THR B 75 -17.90 29.82 10.91
CA THR B 75 -16.68 30.34 11.49
C THR B 75 -15.79 29.27 12.15
N VAL B 76 -16.07 28.02 11.86
CA VAL B 76 -15.31 26.92 12.46
C VAL B 76 -13.87 26.76 11.97
N GLY B 77 -12.94 26.69 12.91
CA GLY B 77 -11.56 26.34 12.59
C GLY B 77 -10.97 25.51 13.72
N GLY B 78 -10.07 24.58 13.36
CA GLY B 78 -9.42 23.74 14.35
C GLY B 78 -10.45 22.91 15.10
N TYR B 79 -11.62 22.77 14.50
CA TYR B 79 -12.74 22.09 15.14
C TYR B 79 -13.11 22.74 16.48
N LEU B 80 -12.79 24.03 16.62
CA LEU B 80 -13.22 24.80 17.77
C LEU B 80 -14.61 25.35 17.51
N PRO B 81 -15.29 25.87 18.55
CA PRO B 81 -16.62 26.42 18.26
C PRO B 81 -16.62 27.60 17.29
N GLY B 82 -17.63 27.69 16.43
CA GLY B 82 -17.75 28.80 15.51
C GLY B 82 -18.88 29.76 15.83
N PRO B 83 -18.57 30.96 16.35
CA PRO B 83 -19.64 31.90 16.69
C PRO B 83 -20.48 32.34 15.48
N ALA B 84 -21.73 32.70 15.70
CA ALA B 84 -22.59 33.21 14.64
C ALA B 84 -21.93 34.47 14.07
N ASP B 85 -21.77 34.54 12.75
CA ASP B 85 -21.02 35.65 12.14
C ASP B 85 -21.89 36.89 11.87
N ASP B 86 -21.24 37.95 11.41
CA ASP B 86 -21.85 39.26 11.38
C ASP B 86 -20.99 40.18 10.52
N PRO B 87 -21.63 40.96 9.64
CA PRO B 87 -20.86 41.91 8.82
C PRO B 87 -20.26 43.02 9.66
N GLN B 88 -20.74 43.17 10.89
CA GLN B 88 -20.23 44.20 11.78
C GLN B 88 -19.15 43.64 12.70
N ARG B 89 -18.93 42.33 12.60
CA ARG B 89 -18.03 41.66 13.53
C ARG B 89 -16.58 41.97 13.27
N VAL B 90 -15.89 42.38 14.33
CA VAL B 90 -14.46 42.69 14.25
C VAL B 90 -13.63 41.71 15.08
N THR B 91 -14.30 40.79 15.76
CA THR B 91 -13.63 39.82 16.61
C THR B 91 -13.32 38.50 15.90
N TRP B 92 -12.13 37.97 16.15
CA TRP B 92 -11.75 36.67 15.60
C TRP B 92 -12.48 35.55 16.31
N PRO B 93 -12.91 34.54 15.55
CA PRO B 93 -12.84 34.42 14.08
C PRO B 93 -14.01 35.08 13.34
N THR B 94 -13.79 35.58 12.12
CA THR B 94 -14.86 36.20 11.34
C THR B 94 -14.64 36.27 9.81
N ASN B 95 -15.74 36.15 9.06
CA ASN B 95 -15.75 36.41 7.61
C ASN B 95 -16.57 37.64 7.23
N ALA B 96 -16.58 38.63 8.11
CA ALA B 96 -17.35 39.85 7.88
C ALA B 96 -17.16 40.43 6.49
N GLY B 97 -15.93 40.48 6.00
CA GLY B 97 -15.70 41.05 4.68
C GLY B 97 -16.44 40.29 3.58
N THR B 98 -16.43 38.97 3.68
CA THR B 98 -17.13 38.13 2.73
C THR B 98 -18.65 38.32 2.84
N ILE B 99 -19.11 38.41 4.08
CA ILE B 99 -20.53 38.60 4.35
C ILE B 99 -20.98 39.94 3.78
N GLN B 100 -20.15 40.96 3.98
CA GLN B 100 -20.43 42.29 3.42
C GLN B 100 -20.61 42.21 1.91
N GLN B 101 -19.70 41.50 1.25
CA GLN B 101 -19.72 41.37 -0.20
C GLN B 101 -20.89 40.52 -0.71
N ALA B 102 -21.23 39.49 0.06
CA ALA B 102 -22.37 38.64 -0.29
C ALA B 102 -23.67 39.41 -0.29
N LEU B 103 -23.84 40.25 0.73
CA LEU B 103 -25.04 41.07 0.81
C LEU B 103 -25.08 41.99 -0.41
N LYS B 104 -23.92 42.52 -0.76
CA LYS B 104 -23.78 43.41 -1.91
C LYS B 104 -24.15 42.72 -3.23
N ARG B 105 -23.84 41.45 -3.32
CA ARG B 105 -24.11 40.66 -4.51
C ARG B 105 -25.57 40.26 -4.58
N GLY B 106 -26.27 40.38 -3.46
CA GLY B 106 -27.68 40.02 -3.45
C GLY B 106 -28.00 38.72 -2.74
N TYR B 107 -27.03 38.14 -2.04
CA TYR B 107 -27.31 36.90 -1.32
C TYR B 107 -27.86 37.17 0.05
N VAL B 108 -28.84 36.37 0.45
CA VAL B 108 -29.23 36.32 1.83
C VAL B 108 -28.16 35.52 2.55
N VAL B 109 -27.82 35.95 3.75
CA VAL B 109 -26.80 35.26 4.53
C VAL B 109 -27.39 34.79 5.86
N VAL B 110 -27.29 33.50 6.13
CA VAL B 110 -27.66 32.98 7.44
C VAL B 110 -26.43 32.39 8.10
N ALA B 111 -25.98 33.06 9.16
CA ALA B 111 -24.73 32.70 9.82
C ALA B 111 -25.05 32.04 11.15
N ALA B 112 -24.87 30.74 11.21
CA ALA B 112 -25.24 29.96 12.39
C ALA B 112 -24.03 29.77 13.31
N GLY B 113 -24.29 29.87 14.61
CA GLY B 113 -23.30 29.50 15.61
C GLY B 113 -23.22 28.00 15.72
N ILE B 114 -21.99 27.50 15.84
CA ILE B 114 -21.72 26.07 15.78
C ILE B 114 -20.86 25.63 16.96
N ARG B 115 -21.33 24.62 17.70
CA ARG B 115 -20.55 24.07 18.79
C ARG B 115 -19.24 23.47 18.27
N GLY B 116 -18.24 23.43 19.16
CA GLY B 116 -16.95 22.82 18.86
C GLY B 116 -16.39 22.12 20.09
N ARG B 117 -15.17 21.59 19.95
CA ARG B 117 -14.63 20.63 20.92
C ARG B 117 -14.43 21.18 22.34
N THR B 118 -14.40 22.50 22.49
CA THR B 118 -14.21 23.11 23.81
C THR B 118 -15.52 23.55 24.46
N THR B 119 -16.63 23.38 23.74
CA THR B 119 -17.91 23.83 24.23
C THR B 119 -18.43 23.02 25.42
N VAL B 120 -18.86 23.73 26.45
CA VAL B 120 -19.45 23.10 27.63
C VAL B 120 -20.86 23.61 27.86
N ASP B 121 -21.65 22.80 28.54
CA ASP B 121 -23.01 23.15 28.91
C ASP B 121 -22.98 23.87 30.27
N LYS B 122 -24.14 24.20 30.81
CA LYS B 122 -24.24 24.98 32.04
C LYS B 122 -23.73 24.20 33.26
N SER B 123 -23.55 22.90 33.10
CA SER B 123 -22.98 22.08 34.16
C SER B 123 -21.46 21.95 34.00
N GLY B 124 -20.92 22.48 32.93
CA GLY B 124 -19.47 22.44 32.73
C GLY B 124 -19.09 21.15 32.00
N GLN B 125 -20.08 20.41 31.51
CA GLN B 125 -19.79 19.18 30.75
C GLN B 125 -19.53 19.51 29.29
N ARG B 126 -18.63 18.78 28.65
CA ARG B 126 -18.39 18.98 27.23
C ARG B 126 -19.58 18.54 26.37
N VAL B 127 -20.06 19.44 25.51
CA VAL B 127 -21.18 19.12 24.62
C VAL B 127 -20.86 19.44 23.16
N GLY B 128 -19.60 19.65 22.83
CA GLY B 128 -19.28 20.12 21.49
C GLY B 128 -18.36 19.25 20.66
N GLN B 129 -18.04 18.06 21.17
CA GLN B 129 -17.20 17.17 20.39
C GLN B 129 -18.04 16.45 19.34
N ALA B 130 -17.37 15.67 18.49
CA ALA B 130 -18.04 15.05 17.37
C ALA B 130 -19.21 14.15 17.79
N PRO B 131 -20.31 14.19 17.03
CA PRO B 131 -20.46 14.99 15.82
C PRO B 131 -21.20 16.31 16.05
N ALA B 132 -20.94 16.99 17.16
CA ALA B 132 -21.71 18.20 17.48
C ALA B 132 -21.67 19.27 16.37
N PHE B 133 -20.50 19.47 15.79
CA PHE B 133 -20.32 20.52 14.79
C PHE B 133 -21.30 20.39 13.62
N ILE B 134 -21.42 19.18 13.08
CA ILE B 134 -22.25 18.93 11.92
C ILE B 134 -23.74 18.85 12.27
N VAL B 135 -24.04 18.39 13.48
CA VAL B 135 -25.40 18.39 13.97
C VAL B 135 -25.98 19.81 14.01
N ASP B 136 -25.18 20.75 14.51
CA ASP B 136 -25.59 22.16 14.56
C ASP B 136 -25.78 22.74 13.16
N MET B 137 -24.85 22.47 12.26
CA MET B 137 -24.97 22.97 10.89
C MET B 137 -26.28 22.50 10.25
N LYS B 138 -26.59 21.22 10.43
CA LYS B 138 -27.81 20.64 9.88
C LYS B 138 -29.06 21.29 10.50
N ALA B 139 -29.02 21.51 11.81
CA ALA B 139 -30.13 22.16 12.52
C ALA B 139 -30.39 23.59 12.05
N ALA B 140 -29.32 24.33 11.80
CA ALA B 140 -29.44 25.67 11.24
C ALA B 140 -30.07 25.62 9.85
N ILE B 141 -29.66 24.62 9.07
CA ILE B 141 -30.25 24.42 7.75
C ILE B 141 -31.74 24.08 7.86
N ARG B 142 -32.09 23.20 8.79
CA ARG B 142 -33.49 22.84 9.03
C ARG B 142 -34.33 24.05 9.41
N TYR B 143 -33.75 24.92 10.24
CA TYR B 143 -34.45 26.14 10.64
C TYR B 143 -34.77 26.98 9.43
N VAL B 144 -33.79 27.13 8.53
CA VAL B 144 -33.96 27.92 7.32
C VAL B 144 -35.02 27.31 6.40
N LYS B 145 -34.94 26.01 6.20
CA LYS B 145 -35.83 25.33 5.27
C LYS B 145 -37.26 25.27 5.82
N TYR B 146 -37.40 25.05 7.12
CA TYR B 146 -38.70 25.08 7.78
C TYR B 146 -39.36 26.44 7.57
N ASN B 147 -38.52 27.47 7.50
CA ASN B 147 -38.93 28.86 7.36
C ASN B 147 -38.86 29.38 5.94
N GLN B 148 -38.86 28.48 4.96
CA GLN B 148 -38.84 28.91 3.57
C GLN B 148 -39.80 30.04 3.22
N GLY B 149 -41.07 29.91 3.58
CA GLY B 149 -42.00 30.97 3.24
C GLY B 149 -41.84 32.28 3.99
N ARG B 150 -41.08 32.27 5.09
CA ARG B 150 -41.08 33.45 5.95
C ARG B 150 -39.74 34.18 5.91
N LEU B 151 -38.68 33.44 5.61
CA LEU B 151 -37.33 33.98 5.55
C LEU B 151 -36.99 34.38 4.13
N PRO B 152 -36.50 35.61 3.94
CA PRO B 152 -36.00 36.01 2.61
C PRO B 152 -34.93 35.05 2.14
N GLY B 153 -34.82 34.89 0.82
CA GLY B 153 -33.88 33.95 0.26
C GLY B 153 -34.60 32.66 -0.06
N ASP B 154 -34.04 31.91 -1.00
CA ASP B 154 -34.64 30.65 -1.41
C ASP B 154 -33.97 29.49 -0.69
N ALA B 155 -34.72 28.80 0.16
CA ALA B 155 -34.14 27.69 0.92
C ALA B 155 -33.78 26.46 0.10
N ASN B 156 -34.18 26.43 -1.18
CA ASN B 156 -33.72 25.37 -2.07
C ASN B 156 -32.40 25.75 -2.75
N ARG B 157 -31.90 26.93 -2.40
CA ARG B 157 -30.64 27.48 -2.93
C ARG B 157 -29.62 27.80 -1.83
N ILE B 158 -29.54 26.94 -0.84
CA ILE B 158 -28.55 27.09 0.23
C ILE B 158 -27.18 26.59 -0.19
N ILE B 159 -26.20 27.47 -0.04
CA ILE B 159 -24.81 27.18 -0.32
C ILE B 159 -23.96 27.40 0.93
N THR B 160 -23.35 26.33 1.45
CA THR B 160 -22.49 26.45 2.62
C THR B 160 -21.08 26.91 2.27
N ASN B 161 -20.43 27.56 3.23
CA ASN B 161 -19.06 28.03 3.03
C ASN B 161 -18.25 27.94 4.30
N GLY B 162 -17.00 27.52 4.15
CA GLY B 162 -16.09 27.42 5.27
C GLY B 162 -14.66 27.16 4.86
N THR B 163 -13.74 27.35 5.79
CA THR B 163 -12.32 27.15 5.53
C THR B 163 -11.83 26.16 6.59
N SER B 164 -10.97 25.25 6.17
CA SER B 164 -10.34 24.30 7.09
C SER B 164 -11.38 23.33 7.66
N ALA B 165 -11.45 23.22 8.98
CA ALA B 165 -12.49 22.43 9.60
C ALA B 165 -13.87 22.93 9.19
N GLY B 166 -13.99 24.23 8.95
CA GLY B 166 -15.24 24.78 8.46
C GLY B 166 -15.52 24.37 7.03
N GLY B 167 -14.45 24.09 6.28
CA GLY B 167 -14.58 23.55 4.93
C GLY B 167 -15.01 22.09 4.96
N ALA B 168 -14.53 21.36 5.96
CA ALA B 168 -14.97 19.99 6.18
C ALA B 168 -16.44 20.03 6.57
N THR B 169 -16.81 21.04 7.35
CA THR B 169 -18.18 21.22 7.83
C THR B 169 -19.13 21.45 6.67
N SER B 170 -18.73 22.35 5.78
CA SER B 170 -19.48 22.67 4.58
C SER B 170 -19.62 21.42 3.71
N ALA B 171 -18.48 20.77 3.48
CA ALA B 171 -18.46 19.56 2.65
C ALA B 171 -19.30 18.45 3.24
N LEU B 172 -19.24 18.28 4.55
CA LEU B 172 -20.01 17.21 5.18
C LEU B 172 -21.50 17.48 5.06
N ALA B 173 -21.88 18.75 5.16
CA ALA B 173 -23.26 19.14 4.96
C ALA B 173 -23.75 18.80 3.55
N GLY B 174 -22.90 19.02 2.54
CA GLY B 174 -23.27 18.69 1.18
C GLY B 174 -23.40 17.20 0.93
N ALA B 175 -22.52 16.43 1.57
CA ALA B 175 -22.44 14.99 1.31
C ALA B 175 -23.50 14.17 2.04
N SER B 176 -23.90 14.65 3.22
CA SER B 176 -24.64 13.84 4.19
C SER B 176 -26.11 14.21 4.35
N GLY B 177 -26.67 14.91 3.36
CA GLY B 177 -28.02 15.40 3.48
C GLY B 177 -29.01 14.32 3.88
N ASN B 178 -29.73 14.59 4.97
CA ASN B 178 -30.80 13.73 5.44
C ASN B 178 -30.37 12.30 5.87
N SER B 179 -29.11 12.15 6.24
CA SER B 179 -28.61 10.87 6.74
C SER B 179 -29.29 10.51 8.08
N ALA B 180 -29.77 9.28 8.19
CA ALA B 180 -30.51 8.84 9.38
C ALA B 180 -29.62 8.80 10.62
N TYR B 181 -28.32 8.74 10.41
CA TYR B 181 -27.35 8.68 11.51
C TYR B 181 -27.55 9.85 12.47
N PHE B 182 -27.90 11.01 11.94
CA PHE B 182 -27.94 12.23 12.75
C PHE B 182 -29.30 12.50 13.37
N GLU B 183 -30.28 11.66 13.04
CA GLU B 183 -31.64 11.93 13.50
C GLU B 183 -31.87 11.92 15.01
N PRO B 184 -31.27 10.97 15.72
CA PRO B 184 -31.51 11.04 17.17
C PRO B 184 -30.99 12.35 17.77
N ALA B 185 -29.82 12.82 17.32
CA ALA B 185 -29.26 14.06 17.85
C ALA B 185 -30.14 15.26 17.49
N LEU B 186 -30.64 15.29 16.26
CA LEU B 186 -31.48 16.41 15.84
C LEU B 186 -32.77 16.34 16.63
N THR B 187 -33.28 15.14 16.86
CA THR B 187 -34.49 14.98 17.67
C THR B 187 -34.23 15.42 19.13
N ALA B 188 -33.10 15.03 19.70
CA ALA B 188 -32.78 15.41 21.07
C ALA B 188 -32.68 16.93 21.22
N LEU B 189 -32.18 17.62 20.20
CA LEU B 189 -32.10 19.07 20.25
C LEU B 189 -33.41 19.80 20.01
N GLY B 190 -34.41 19.11 19.46
CA GLY B 190 -35.64 19.77 19.05
C GLY B 190 -35.41 20.70 17.89
N ALA B 191 -34.71 20.21 16.87
CA ALA B 191 -34.50 20.93 15.62
C ALA B 191 -35.79 21.02 14.80
N ALA B 192 -35.84 21.99 13.90
CA ALA B 192 -37.04 22.18 13.08
C ALA B 192 -37.32 20.92 12.26
N PRO B 193 -38.61 20.63 12.07
CA PRO B 193 -39.02 19.44 11.31
C PRO B 193 -38.92 19.68 9.81
N ALA B 194 -37.71 19.60 9.27
CA ALA B 194 -37.46 19.82 7.86
C ALA B 194 -36.24 19.04 7.40
N THR B 195 -36.00 18.98 6.09
CA THR B 195 -34.82 18.30 5.59
C THR B 195 -33.60 19.20 5.77
N ASP B 196 -32.41 18.62 5.65
CA ASP B 196 -31.16 19.36 5.75
C ASP B 196 -30.22 19.22 4.56
N ASP B 197 -30.71 18.66 3.46
CA ASP B 197 -29.94 18.64 2.21
C ASP B 197 -29.79 20.04 1.64
N ILE B 198 -28.65 20.26 0.98
CA ILE B 198 -28.35 21.58 0.43
C ILE B 198 -28.09 21.56 -1.07
N PHE B 199 -28.03 22.75 -1.64
CA PHE B 199 -27.91 22.95 -3.08
C PHE B 199 -26.47 22.88 -3.59
N ALA B 200 -25.56 23.50 -2.86
CA ALA B 200 -24.17 23.60 -3.32
C ALA B 200 -23.19 23.73 -2.17
N VAL B 201 -21.97 23.29 -2.42
CA VAL B 201 -20.91 23.31 -1.43
C VAL B 201 -19.77 24.22 -1.86
N SER B 202 -19.43 25.16 -1.01
CA SER B 202 -18.17 25.85 -1.14
C SER B 202 -17.29 25.41 0.01
N ALA B 203 -16.10 24.90 -0.31
CA ALA B 203 -15.22 24.43 0.75
C ALA B 203 -13.77 24.82 0.49
N TYR B 204 -13.21 25.54 1.46
CA TYR B 204 -11.79 25.88 1.44
C TYR B 204 -10.96 25.01 2.36
N CYS B 205 -9.88 24.47 1.83
CA CYS B 205 -8.93 23.69 2.62
C CYS B 205 -9.61 22.73 3.57
N PRO B 206 -10.59 21.94 3.07
CA PRO B 206 -11.40 21.20 4.04
C PRO B 206 -10.56 20.19 4.79
N ILE B 207 -10.50 20.31 6.11
CA ILE B 207 -9.75 19.33 6.87
C ILE B 207 -10.67 18.18 7.20
N HIS B 208 -10.64 17.16 6.36
CA HIS B 208 -11.60 16.07 6.42
C HIS B 208 -10.83 14.79 6.12
N ASN B 209 -11.54 13.67 6.07
CA ASN B 209 -10.92 12.38 5.87
C ASN B 209 -9.81 12.15 6.90
N LEU B 210 -10.13 12.46 8.16
CA LEU B 210 -9.13 12.47 9.22
C LEU B 210 -8.43 11.15 9.46
N GLU B 211 -9.14 10.04 9.28
CA GLU B 211 -8.54 8.74 9.56
C GLU B 211 -7.56 8.31 8.47
N HIS B 212 -7.47 9.07 7.39
CA HIS B 212 -6.45 8.83 6.35
C HIS B 212 -5.50 10.01 6.15
N ALA B 213 -5.70 11.07 6.94
CA ALA B 213 -4.91 12.29 6.77
C ALA B 213 -3.45 12.13 7.17
N ASP B 214 -3.19 11.28 8.15
CA ASP B 214 -1.83 11.02 8.57
C ASP B 214 -1.03 10.34 7.46
N MET B 215 -1.65 9.36 6.81
CA MET B 215 -1.01 8.64 5.70
C MET B 215 -0.64 9.65 4.63
N ALA B 216 -1.63 10.46 4.26
CA ALA B 216 -1.46 11.41 3.17
C ALA B 216 -0.38 12.43 3.47
N TYR B 217 -0.37 12.91 4.72
CA TYR B 217 0.61 13.92 5.11
C TYR B 217 2.05 13.45 4.96
N GLU B 218 2.31 12.19 5.35
CA GLU B 218 3.66 11.65 5.29
C GLU B 218 4.05 11.23 3.87
N TRP B 219 3.09 10.77 3.08
CA TRP B 219 3.34 10.56 1.66
C TRP B 219 3.89 11.83 1.02
N GLN B 220 3.28 12.97 1.33
CA GLN B 220 3.70 14.23 0.75
C GLN B 220 5.00 14.72 1.35
N PHE B 221 5.13 14.60 2.67
CA PHE B 221 6.19 15.28 3.38
C PHE B 221 7.32 14.43 3.95
N ASN B 222 7.25 13.11 3.78
CA ASN B 222 8.36 12.28 4.22
C ASN B 222 9.66 12.72 3.56
N GLY B 223 10.75 12.77 4.32
CA GLY B 223 12.02 13.20 3.76
C GLY B 223 12.30 14.66 4.05
N ILE B 224 11.27 15.39 4.47
CA ILE B 224 11.44 16.77 4.94
C ILE B 224 11.32 16.75 6.44
N ASN B 225 12.46 17.00 7.09
CA ASN B 225 12.58 16.69 8.50
C ASN B 225 12.48 17.92 9.38
N ASP B 226 12.35 19.09 8.77
CA ASP B 226 12.09 20.29 9.56
C ASP B 226 10.68 20.82 9.41
N TRP B 227 10.11 21.25 10.53
CA TRP B 227 8.80 21.84 10.53
C TRP B 227 8.74 23.28 11.03
N HIS B 228 7.77 24.01 10.51
CA HIS B 228 7.56 25.42 10.82
C HIS B 228 6.06 25.64 10.94
N ARG B 229 5.61 26.03 12.13
CA ARG B 229 4.18 26.24 12.36
C ARG B 229 3.94 27.39 13.34
N TYR B 230 2.80 27.38 14.00
CA TYR B 230 2.46 28.42 14.97
C TYR B 230 1.97 27.83 16.30
N GLN B 231 2.19 28.59 17.37
CA GLN B 231 1.83 28.19 18.72
C GLN B 231 1.35 29.38 19.52
N PRO B 232 0.40 29.17 20.44
CA PRO B 232 -0.18 30.29 21.17
C PRO B 232 0.84 30.82 22.16
N VAL B 233 0.69 32.10 22.50
CA VAL B 233 1.47 32.76 23.52
C VAL B 233 0.56 33.20 24.66
N ALA B 234 1.09 33.18 25.88
CA ALA B 234 0.32 33.61 27.03
C ALA B 234 -0.24 35.00 26.74
N GLY B 235 -1.40 35.31 27.31
CA GLY B 235 -2.08 36.56 26.99
C GLY B 235 -3.15 36.41 25.92
N PRO B 242 -6.04 35.53 22.53
CA PRO B 242 -5.24 34.40 22.04
C PRO B 242 -4.14 34.82 21.05
N LYS B 243 -3.00 35.23 21.58
CA LYS B 243 -1.87 35.62 20.75
C LYS B 243 -1.08 34.42 20.18
N PHE B 244 -0.46 34.59 19.00
CA PHE B 244 0.27 33.47 18.37
C PHE B 244 1.70 33.83 18.00
N GLU B 245 2.58 32.83 18.01
CA GLU B 245 3.96 32.93 17.55
C GLU B 245 4.50 31.77 16.64
N PRO B 246 5.39 32.05 15.67
CA PRO B 246 5.98 30.92 14.92
C PRO B 246 6.94 30.06 15.76
N VAL B 247 7.02 28.76 15.46
CA VAL B 247 7.99 27.83 16.06
C VAL B 247 8.63 26.83 15.10
N SER B 248 9.92 26.53 15.24
CA SER B 248 10.48 25.60 14.29
C SER B 248 11.21 24.49 15.04
N GLY B 249 11.23 23.32 14.42
CA GLY B 249 11.88 22.12 14.95
C GLY B 249 12.34 21.09 13.92
N GLN B 250 12.96 20.03 14.42
CA GLN B 250 13.46 18.85 13.72
C GLN B 250 12.68 17.61 14.13
N LEU B 251 12.38 16.78 13.13
CA LEU B 251 11.70 15.51 13.39
C LEU B 251 12.59 14.56 14.15
N THR B 252 12.05 14.00 15.22
CA THR B 252 12.75 12.99 15.98
C THR B 252 12.90 11.69 15.20
N VAL B 253 13.73 10.78 15.69
CA VAL B 253 13.91 9.49 15.04
C VAL B 253 12.61 8.68 15.03
N GLU B 254 11.82 8.82 16.09
CA GLU B 254 10.55 8.09 16.19
C GLU B 254 9.59 8.60 15.14
N GLU B 255 9.61 9.91 14.95
CA GLU B 255 8.76 10.55 13.96
C GLU B 255 9.17 10.20 12.55
N GLN B 256 10.47 10.24 12.30
CA GLN B 256 10.99 9.89 10.99
C GLN B 256 10.67 8.44 10.66
N ALA B 257 10.79 7.59 11.68
CA ALA B 257 10.51 6.17 11.51
C ALA B 257 9.04 5.96 11.22
N LEU B 258 8.22 6.61 12.04
CA LEU B 258 6.78 6.48 11.89
C LEU B 258 6.30 7.10 10.59
N SER B 259 6.94 8.20 10.20
CA SER B 259 6.63 8.89 8.97
C SER B 259 6.76 7.98 7.76
N LEU B 260 7.84 7.21 7.78
CA LEU B 260 8.14 6.31 6.68
C LEU B 260 7.06 5.26 6.47
N ALA B 261 6.56 4.68 7.54
CA ALA B 261 5.52 3.65 7.46
C ALA B 261 4.19 4.22 6.98
N LEU B 262 3.82 5.37 7.53
CA LEU B 262 2.59 6.05 7.18
C LEU B 262 2.60 6.36 5.69
N LYS B 263 3.74 6.82 5.19
CA LYS B 263 3.87 7.11 3.77
C LYS B 263 3.55 5.86 2.98
N ALA B 264 4.14 4.73 3.37
CA ALA B 264 3.92 3.48 2.65
C ALA B 264 2.44 3.05 2.66
N GLN B 265 1.79 3.18 3.81
CA GLN B 265 0.37 2.81 3.92
C GLN B 265 -0.53 3.61 2.98
N PHE B 266 -0.16 4.84 2.69
CA PHE B 266 -0.98 5.68 1.83
C PHE B 266 -1.21 5.08 0.45
N SER B 267 -0.18 4.42 -0.10
CA SER B 267 -0.31 3.76 -1.38
CA SER B 267 -0.31 3.75 -1.39
C SER B 267 -1.40 2.69 -1.36
N THR B 268 -1.40 1.89 -0.29
CA THR B 268 -2.38 0.81 -0.15
C THR B 268 -3.78 1.43 -0.11
N TYR B 269 -3.95 2.44 0.73
CA TYR B 269 -5.22 3.13 0.85
C TYR B 269 -5.66 3.74 -0.48
N LEU B 270 -4.77 4.49 -1.12
CA LEU B 270 -5.09 5.21 -2.35
C LEU B 270 -5.54 4.27 -3.46
N ASN B 271 -4.79 3.17 -3.64
CA ASN B 271 -5.07 2.23 -4.71
C ASN B 271 -6.45 1.61 -4.52
N GLN B 272 -6.85 1.39 -3.26
CA GLN B 272 -8.12 0.73 -2.99
C GLN B 272 -9.30 1.68 -3.18
N LEU B 273 -9.06 2.97 -3.33
CA LEU B 273 -10.15 3.89 -3.65
C LEU B 273 -10.73 3.73 -5.07
N LYS B 274 -9.95 3.17 -5.97
CA LYS B 274 -10.35 3.01 -7.37
C LYS B 274 -10.72 4.37 -7.98
N LEU B 275 -9.94 5.38 -7.66
CA LEU B 275 -10.12 6.72 -8.24
C LEU B 275 -9.75 6.74 -9.70
N THR B 276 -10.51 7.47 -10.52
CA THR B 276 -10.17 7.52 -11.92
C THR B 276 -10.04 8.94 -12.48
N ALA B 277 -9.15 9.09 -13.47
CA ALA B 277 -9.04 10.34 -14.21
C ALA B 277 -10.14 10.43 -15.26
N SER B 278 -10.18 11.56 -15.95
CA SER B 278 -11.21 11.84 -16.95
C SER B 278 -11.35 10.71 -17.97
N ASP B 279 -10.22 10.07 -18.32
CA ASP B 279 -10.22 9.08 -19.39
C ASP B 279 -10.57 7.64 -18.98
N GLY B 280 -10.73 7.42 -17.69
CA GLY B 280 -11.13 6.14 -17.14
C GLY B 280 -10.01 5.29 -16.57
N THR B 281 -8.81 5.84 -16.59
CA THR B 281 -7.62 5.22 -16.00
C THR B 281 -7.59 5.16 -14.47
N HIS B 282 -7.30 3.98 -13.92
CA HIS B 282 -7.22 3.85 -12.48
C HIS B 282 -5.98 4.58 -11.99
N LEU B 283 -6.19 5.59 -11.16
CA LEU B 283 -5.11 6.38 -10.57
C LEU B 283 -4.46 5.65 -9.39
N THR B 284 -3.16 5.42 -9.47
CA THR B 284 -2.50 4.56 -8.49
C THR B 284 -1.13 5.08 -8.02
N LEU B 285 -0.62 4.42 -6.98
CA LEU B 285 0.74 4.66 -6.47
C LEU B 285 1.44 3.33 -6.25
N ASN B 286 2.74 3.27 -6.48
CA ASN B 286 3.48 2.06 -6.18
C ASN B 286 4.00 2.07 -4.73
N GLU B 287 4.83 1.10 -4.40
CA GLU B 287 5.31 0.96 -3.03
C GLU B 287 6.09 2.18 -2.57
N ALA B 288 6.63 2.91 -3.55
CA ALA B 288 7.46 4.08 -3.28
C ALA B 288 6.68 5.41 -3.33
N GLY B 289 5.36 5.33 -3.55
CA GLY B 289 4.53 6.52 -3.53
C GLY B 289 4.55 7.27 -4.86
N MET B 290 4.89 6.56 -5.92
CA MET B 290 4.94 7.15 -7.26
C MET B 290 3.93 6.49 -8.19
N GLY B 291 3.44 7.25 -9.16
CA GLY B 291 2.48 6.74 -10.12
C GLY B 291 1.54 7.80 -10.64
N SER B 292 0.50 7.36 -11.35
CA SER B 292 -0.42 8.27 -12.01
C SER B 292 -1.12 9.24 -11.06
N PHE B 293 -1.41 8.80 -9.83
CA PHE B 293 -2.02 9.70 -8.86
C PHE B 293 -1.08 10.83 -8.48
N ARG B 294 0.18 10.50 -8.27
CA ARG B 294 1.16 11.53 -7.94
C ARG B 294 1.26 12.51 -9.11
N ASP B 295 1.17 11.99 -10.34
CA ASP B 295 1.21 12.84 -11.53
C ASP B 295 0.05 13.84 -11.59
N VAL B 296 -1.13 13.42 -11.14
CA VAL B 296 -2.27 14.31 -11.10
C VAL B 296 -2.04 15.48 -10.14
N VAL B 297 -1.48 15.20 -8.97
CA VAL B 297 -1.19 16.25 -8.01
C VAL B 297 -0.19 17.26 -8.60
N ARG B 298 0.89 16.76 -9.19
CA ARG B 298 1.86 17.65 -9.83
C ARG B 298 1.21 18.47 -10.94
N GLN B 299 0.35 17.81 -11.71
CA GLN B 299 -0.26 18.43 -12.87
C GLN B 299 -1.11 19.62 -12.44
N LEU B 300 -1.78 19.45 -11.30
CA LEU B 300 -2.61 20.49 -10.70
C LEU B 300 -1.82 21.68 -10.18
N LEU B 301 -0.64 21.42 -9.64
CA LEU B 301 0.25 22.48 -9.16
C LEU B 301 0.88 23.25 -10.32
N ILE B 302 1.19 22.53 -11.39
CA ILE B 302 1.69 23.14 -12.61
C ILE B 302 0.64 24.08 -13.21
N SER B 303 -0.60 23.63 -13.24
CA SER B 303 -1.70 24.45 -13.73
C SER B 303 -1.86 25.74 -12.93
N SER B 304 -1.76 25.61 -11.61
CA SER B 304 -1.83 26.74 -10.69
C SER B 304 -0.73 27.74 -10.99
N ALA B 305 0.48 27.21 -11.14
CA ALA B 305 1.65 28.03 -11.45
C ALA B 305 1.50 28.72 -12.79
N GLN B 306 0.94 28.02 -13.78
CA GLN B 306 0.76 28.62 -15.10
C GLN B 306 -0.18 29.82 -14.99
N THR B 307 -1.29 29.63 -14.28
CA THR B 307 -2.28 30.69 -14.08
C THR B 307 -1.64 31.90 -13.43
N ALA B 308 -0.79 31.62 -12.44
CA ALA B 308 -0.08 32.65 -11.69
C ALA B 308 0.94 33.32 -12.62
N PHE B 309 1.63 32.50 -13.41
CA PHE B 309 2.62 32.98 -14.35
C PHE B 309 2.04 33.99 -15.35
N ASP B 310 0.83 33.70 -15.83
CA ASP B 310 0.17 34.56 -16.81
C ASP B 310 -0.31 35.88 -16.20
N GLN B 311 -0.35 35.91 -14.88
CA GLN B 311 -0.72 37.09 -14.11
C GLN B 311 0.50 37.90 -13.72
N GLY B 312 1.66 37.45 -14.20
CA GLY B 312 2.89 38.18 -13.97
C GLY B 312 3.78 37.71 -12.84
N THR B 313 3.44 36.59 -12.19
CA THR B 313 4.28 36.17 -11.10
C THR B 313 5.40 35.55 -11.93
N ASP B 314 6.64 35.77 -11.53
CA ASP B 314 7.78 35.13 -12.17
C ASP B 314 7.82 33.83 -11.42
N ILE B 315 7.43 32.69 -11.99
CA ILE B 315 7.43 31.61 -11.04
C ILE B 315 8.75 30.97 -10.79
N HIS B 316 9.46 31.62 -9.88
CA HIS B 316 10.70 31.08 -9.40
C HIS B 316 10.55 31.13 -7.88
N LYS B 317 9.37 31.54 -7.40
CA LYS B 317 9.05 31.45 -5.97
C LYS B 317 9.24 30.16 -5.25
N TYR B 318 8.91 29.06 -5.87
CA TYR B 318 9.24 27.82 -5.24
C TYR B 318 10.27 27.19 -6.15
N ALA B 319 11.03 26.26 -5.63
CA ALA B 319 12.05 25.66 -6.46
C ALA B 319 11.24 24.56 -7.10
N GLY B 320 11.77 23.97 -8.16
CA GLY B 320 11.16 22.80 -8.75
C GLY B 320 10.46 23.04 -10.06
N PHE B 321 10.09 24.29 -10.35
CA PHE B 321 9.32 24.56 -11.56
C PHE B 321 10.24 24.68 -12.78
N VAL B 322 9.84 24.04 -13.88
CA VAL B 322 10.59 24.18 -15.12
C VAL B 322 9.79 25.11 -16.02
N VAL B 323 10.37 26.23 -16.37
CA VAL B 323 9.67 27.17 -17.21
C VAL B 323 10.39 27.21 -18.55
N THR B 324 9.62 27.03 -19.62
CA THR B 324 10.17 27.11 -20.96
C THR B 324 9.41 28.18 -21.72
N GLY B 325 10.12 29.25 -22.08
CA GLY B 325 9.49 30.38 -22.72
C GLY B 325 8.41 30.98 -21.84
N ASN B 326 7.17 30.90 -22.32
CA ASN B 326 6.03 31.47 -21.60
C ASN B 326 5.16 30.40 -20.94
N GLN B 327 5.67 29.18 -20.86
CA GLN B 327 4.88 28.06 -20.35
C GLN B 327 5.58 27.34 -19.20
N VAL B 328 4.83 26.98 -18.16
CA VAL B 328 5.36 26.10 -17.14
C VAL B 328 5.18 24.67 -17.64
N THR B 329 6.29 24.07 -18.08
CA THR B 329 6.22 22.79 -18.76
C THR B 329 6.30 21.55 -17.86
N ASP B 330 6.88 21.73 -16.68
CA ASP B 330 7.05 20.61 -15.75
C ASP B 330 7.31 21.11 -14.33
N LEU B 331 7.38 20.17 -13.40
CA LEU B 331 7.57 20.50 -11.99
C LEU B 331 8.32 19.36 -11.29
N ASP B 332 9.40 19.69 -10.59
CA ASP B 332 10.07 18.73 -9.73
C ASP B 332 9.35 18.76 -8.39
N LEU B 333 8.52 17.76 -8.13
CA LEU B 333 7.63 17.78 -6.99
C LEU B 333 8.34 17.71 -5.64
N SER B 334 9.37 16.88 -5.56
CA SER B 334 10.18 16.79 -4.34
C SER B 334 10.79 18.13 -3.97
N ALA B 335 11.36 18.81 -4.97
CA ALA B 335 11.96 20.12 -4.77
C ALA B 335 10.91 21.13 -4.33
N TYR B 336 9.74 21.07 -4.95
CA TYR B 336 8.66 21.99 -4.61
C TYR B 336 8.21 21.79 -3.16
N LEU B 337 8.06 20.52 -2.77
CA LEU B 337 7.62 20.18 -1.43
C LEU B 337 8.62 20.53 -0.32
N LYS B 338 9.90 20.35 -0.61
CA LYS B 338 10.97 20.76 0.30
C LYS B 338 10.96 22.28 0.52
N SER B 339 10.63 23.00 -0.54
CA SER B 339 10.55 24.46 -0.52
C SER B 339 9.44 25.04 0.39
N LEU B 340 8.26 24.42 0.40
CA LEU B 340 7.15 24.86 1.25
C LEU B 340 7.48 24.60 2.71
N THR B 341 8.14 23.47 2.84
CA THR B 341 8.56 22.69 3.98
C THR B 341 7.42 21.97 4.68
N ARG B 342 7.69 21.42 5.85
CA ARG B 342 6.69 20.82 6.78
C ARG B 342 5.87 21.71 7.73
N MET B 343 4.58 21.47 7.94
CA MET B 343 3.89 22.30 8.93
C MET B 343 3.78 21.53 10.26
N LYS B 344 3.23 20.32 10.14
CA LYS B 344 2.82 19.48 11.27
C LYS B 344 3.79 18.32 11.55
N ALA B 345 3.81 17.86 12.80
CA ALA B 345 4.66 16.74 13.19
C ALA B 345 4.01 15.39 12.85
N VAL B 346 4.51 14.33 13.47
CA VAL B 346 4.12 12.97 13.11
C VAL B 346 3.58 12.18 14.29
N PRO B 347 2.36 11.64 14.17
CA PRO B 347 1.43 11.86 13.06
C PRO B 347 0.90 13.29 13.10
N ALA B 348 0.45 13.80 11.95
CA ALA B 348 0.03 15.18 11.84
C ALA B 348 -1.33 15.39 12.48
N PHE B 349 -2.13 14.33 12.54
CA PHE B 349 -3.51 14.45 13.03
C PHE B 349 -3.82 13.59 14.24
N ASP B 350 -3.60 12.29 14.14
CA ASP B 350 -3.83 11.44 15.29
C ASP B 350 -2.53 11.31 16.08
N GLN B 351 -2.33 12.23 17.02
CA GLN B 351 -1.11 12.27 17.82
C GLN B 351 -1.09 11.08 18.77
N LEU B 352 0.08 10.47 18.91
CA LEU B 352 0.22 9.28 19.75
C LEU B 352 -0.09 9.59 21.21
N ASP B 353 0.11 10.86 21.61
CA ASP B 353 -0.16 11.26 22.99
C ASP B 353 -1.48 12.03 23.11
N LEU B 354 -2.30 11.95 22.05
CA LEU B 354 -3.67 12.48 22.09
C LEU B 354 -3.74 14.00 22.22
N THR B 355 -2.73 14.72 21.74
CA THR B 355 -2.67 16.17 21.97
C THR B 355 -3.15 17.08 20.83
N SER B 356 -3.62 16.52 19.72
CA SER B 356 -4.05 17.33 18.58
C SER B 356 -5.51 17.80 18.70
N PRO B 357 -5.87 18.83 17.92
CA PRO B 357 -7.27 19.26 17.88
C PRO B 357 -8.20 18.12 17.47
N GLU B 358 -7.76 17.27 16.55
CA GLU B 358 -8.59 16.16 16.10
C GLU B 358 -8.75 15.04 17.14
N ASN B 359 -7.70 14.82 17.93
CA ASN B 359 -7.82 13.89 19.05
C ASN B 359 -8.90 14.37 20.00
N ASN B 360 -8.92 15.68 20.25
CA ASN B 360 -9.89 16.29 21.14
C ASN B 360 -11.29 16.27 20.54
N LEU B 361 -11.38 16.49 19.24
CA LEU B 361 -12.63 16.38 18.50
C LEU B 361 -13.29 15.02 18.72
N PHE B 362 -12.48 13.96 18.74
CA PHE B 362 -12.98 12.60 18.88
C PHE B 362 -13.13 12.16 20.34
N GLY B 363 -12.85 13.07 21.25
CA GLY B 363 -13.17 12.86 22.64
C GLY B 363 -14.67 12.91 22.85
N ASP B 364 -15.09 12.71 24.10
CA ASP B 364 -16.51 12.83 24.47
C ASP B 364 -16.63 13.36 25.88
N ALA B 365 -17.82 13.26 26.45
CA ALA B 365 -18.09 13.83 27.77
C ALA B 365 -17.20 13.17 28.82
N THR B 366 -16.74 11.97 28.52
CA THR B 366 -15.89 11.20 29.44
C THR B 366 -14.42 11.37 29.08
N ALA B 367 -14.05 10.96 27.87
CA ALA B 367 -12.67 11.00 27.41
C ALA B 367 -12.39 12.29 26.64
N LYS B 368 -11.43 13.07 27.13
CA LYS B 368 -11.15 14.39 26.57
C LYS B 368 -10.69 14.26 25.11
N ALA B 369 -9.99 13.16 24.82
CA ALA B 369 -9.42 12.91 23.50
C ALA B 369 -9.35 11.42 23.16
N LYS B 370 -9.44 11.07 21.87
CA LYS B 370 -9.33 9.66 21.48
C LYS B 370 -8.51 9.52 20.22
N HIS B 371 -8.03 8.30 19.94
CA HIS B 371 -7.45 8.06 18.63
C HIS B 371 -8.56 7.78 17.64
N PHE B 372 -8.25 7.91 16.36
CA PHE B 372 -9.21 7.65 15.28
C PHE B 372 -8.57 6.81 14.17
N THR B 373 -7.41 6.24 14.48
CA THR B 373 -6.72 5.36 13.55
C THR B 373 -6.14 4.14 14.25
N ALA B 374 -6.09 3.03 13.52
CA ALA B 374 -5.56 1.78 14.06
C ALA B 374 -4.10 1.95 14.45
N LEU B 375 -3.33 2.65 13.63
CA LEU B 375 -1.90 2.77 13.85
C LEU B 375 -1.57 3.54 15.12
N ALA B 376 -2.28 4.66 15.32
CA ALA B 376 -2.01 5.52 16.47
C ALA B 376 -2.51 4.90 17.76
N GLN B 377 -3.59 4.14 17.66
CA GLN B 377 -4.10 3.39 18.81
C GLN B 377 -3.09 2.32 19.20
N THR B 378 -2.62 1.57 18.21
CA THR B 378 -1.62 0.53 18.44
C THR B 378 -0.36 1.09 19.06
N ARG B 379 0.06 2.26 18.59
CA ARG B 379 1.31 2.88 19.02
C ARG B 379 1.14 4.03 20.01
N SER B 380 -0.04 4.11 20.63
CA SER B 380 -0.28 5.22 21.55
C SER B 380 0.77 5.24 22.64
N THR B 381 1.20 6.44 22.99
CA THR B 381 2.16 6.66 24.04
C THR B 381 1.44 6.95 25.35
N VAL B 382 0.13 7.13 25.26
CA VAL B 382 -0.72 7.29 26.43
C VAL B 382 -1.86 6.27 26.43
N THR B 383 -2.36 5.94 27.62
CA THR B 383 -3.52 5.07 27.71
C THR B 383 -4.63 5.75 26.94
N ALA B 384 -5.32 5.01 26.08
CA ALA B 384 -6.23 5.66 25.16
C ALA B 384 -7.28 4.74 24.57
N GLN B 385 -8.34 5.34 24.07
N GLN B 385 -8.35 5.33 24.08
CA GLN B 385 -9.40 4.61 23.41
CA GLN B 385 -9.43 4.59 23.44
C GLN B 385 -9.57 5.06 21.97
C GLN B 385 -9.59 5.07 21.99
N LEU B 386 -10.09 4.17 21.15
CA LEU B 386 -10.34 4.46 19.74
C LEU B 386 -11.76 4.99 19.68
N ALA B 387 -11.99 6.02 18.86
CA ALA B 387 -13.35 6.48 18.63
C ALA B 387 -14.21 5.44 17.94
N ASP B 388 -15.51 5.56 18.16
CA ASP B 388 -16.48 4.67 17.57
C ASP B 388 -16.26 4.70 16.06
N ALA B 389 -16.18 3.53 15.44
CA ALA B 389 -15.89 3.42 14.01
C ALA B 389 -16.98 4.09 13.17
N GLU B 390 -18.21 3.94 13.64
CA GLU B 390 -19.36 4.49 12.96
C GLU B 390 -19.38 6.04 13.01
N LEU B 391 -18.92 6.61 14.11
CA LEU B 391 -18.81 8.07 14.23
C LEU B 391 -17.78 8.65 13.28
N ILE B 392 -16.61 8.01 13.23
CA ILE B 392 -15.53 8.40 12.33
C ILE B 392 -15.99 8.40 10.89
N GLN B 393 -16.66 7.33 10.51
CA GLN B 393 -17.26 7.22 9.19
C GLN B 393 -18.23 8.38 8.99
N ALA B 394 -19.06 8.62 10.00
CA ALA B 394 -20.12 9.61 9.89
C ALA B 394 -19.66 11.05 9.64
N ILE B 395 -18.48 11.44 10.12
CA ILE B 395 -18.06 12.82 9.92
C ILE B 395 -17.11 12.99 8.74
N ASN B 396 -16.93 11.91 7.99
CA ASN B 396 -16.13 11.93 6.76
C ASN B 396 -17.00 12.05 5.51
N PRO B 397 -16.88 13.18 4.79
CA PRO B 397 -17.66 13.40 3.56
C PRO B 397 -17.55 12.26 2.53
N LEU B 398 -16.39 11.61 2.46
CA LEU B 398 -16.18 10.57 1.44
C LEU B 398 -17.13 9.38 1.64
N SER B 399 -17.54 9.15 2.87
CA SER B 399 -18.38 8.02 3.20
C SER B 399 -19.71 7.95 2.44
N TYR B 400 -20.25 9.11 2.09
CA TYR B 400 -21.59 9.15 1.51
C TYR B 400 -21.51 9.06 0.00
N LEU B 401 -20.29 9.17 -0.52
CA LEU B 401 -20.11 9.23 -1.96
C LEU B 401 -19.99 7.86 -2.58
N THR B 402 -19.63 6.85 -1.78
CA THR B 402 -19.47 5.53 -2.34
C THR B 402 -20.69 4.68 -2.03
N THR B 403 -21.61 5.23 -1.24
CA THR B 403 -22.87 4.55 -0.96
C THR B 403 -24.04 5.46 -1.26
N THR B 404 -25.26 4.92 -1.36
CA THR B 404 -26.43 5.77 -1.37
C THR B 404 -27.16 5.81 -0.02
N SER B 405 -26.81 6.75 0.85
CA SER B 405 -27.34 6.78 2.22
C SER B 405 -27.91 8.17 2.52
N SER B 406 -27.87 9.04 1.52
CA SER B 406 -28.24 10.43 1.71
C SER B 406 -28.46 11.19 0.42
N GLN B 407 -28.88 12.44 0.56
CA GLN B 407 -29.03 13.35 -0.57
C GLN B 407 -27.82 14.27 -0.66
N VAL B 408 -26.95 13.97 -1.62
CA VAL B 408 -25.71 14.70 -1.84
C VAL B 408 -25.88 15.92 -2.73
N ALA B 409 -25.39 17.08 -2.30
CA ALA B 409 -25.40 18.26 -3.15
C ALA B 409 -24.74 18.01 -4.51
N LYS B 410 -25.33 18.58 -5.56
CA LYS B 410 -24.85 18.38 -6.91
C LYS B 410 -23.65 19.21 -7.35
N HIS B 411 -23.46 20.34 -6.69
CA HIS B 411 -22.50 21.33 -7.17
C HIS B 411 -21.50 21.60 -6.06
N TRP B 412 -20.23 21.49 -6.42
CA TRP B 412 -19.13 21.60 -5.47
C TRP B 412 -18.04 22.51 -6.00
N ARG B 413 -17.55 23.37 -5.12
CA ARG B 413 -16.40 24.21 -5.39
C ARG B 413 -15.38 24.10 -4.27
N ILE B 414 -14.23 23.52 -4.58
CA ILE B 414 -13.23 23.27 -3.56
C ILE B 414 -11.96 24.02 -3.95
N ARG B 415 -11.33 24.68 -2.99
CA ARG B 415 -10.07 25.38 -3.22
C ARG B 415 -9.11 24.99 -2.10
N HIS B 416 -7.85 24.78 -2.45
CA HIS B 416 -6.83 24.59 -1.44
C HIS B 416 -5.57 25.30 -1.93
N GLY B 417 -5.02 26.23 -1.15
CA GLY B 417 -3.93 27.04 -1.65
C GLY B 417 -2.74 26.16 -1.99
N ALA B 418 -2.03 26.52 -3.06
CA ALA B 418 -0.89 25.74 -3.53
C ALA B 418 0.36 25.77 -2.63
N ALA B 419 0.35 26.68 -1.67
CA ALA B 419 1.39 26.84 -0.65
C ALA B 419 0.90 26.43 0.74
N ASP B 420 -0.21 25.71 0.78
CA ASP B 420 -0.86 25.29 2.02
C ASP B 420 -0.44 23.93 2.55
N ARG B 421 0.15 23.96 3.75
CA ARG B 421 0.69 22.75 4.35
C ARG B 421 -0.17 22.26 5.52
N ASP B 422 -1.40 22.74 5.63
CA ASP B 422 -2.22 22.29 6.76
C ASP B 422 -2.75 20.88 6.59
N THR B 423 -2.87 20.41 5.36
CA THR B 423 -3.12 19.01 5.03
C THR B 423 -2.53 18.69 3.66
N SER B 424 -2.28 17.41 3.37
CA SER B 424 -1.74 17.05 2.07
C SER B 424 -2.68 17.49 0.97
N PHE B 425 -2.12 17.91 -0.17
CA PHE B 425 -2.93 18.21 -1.35
C PHE B 425 -3.78 17.01 -1.75
N ALA B 426 -3.30 15.82 -1.44
CA ALA B 426 -4.03 14.59 -1.77
C ALA B 426 -5.42 14.54 -1.14
N ILE B 427 -5.56 15.14 0.05
CA ILE B 427 -6.82 15.05 0.77
C ILE B 427 -7.98 15.74 0.05
N PRO B 428 -7.85 17.05 -0.24
CA PRO B 428 -8.92 17.70 -1.01
C PRO B 428 -9.00 17.15 -2.43
N ILE B 429 -7.86 16.72 -2.97
CA ILE B 429 -7.84 16.18 -4.33
C ILE B 429 -8.63 14.87 -4.44
N ILE B 430 -8.46 14.01 -3.44
CA ILE B 430 -9.23 12.76 -3.39
C ILE B 430 -10.72 13.03 -3.39
N LEU B 431 -11.13 14.00 -2.58
CA LEU B 431 -12.53 14.37 -2.48
C LEU B 431 -13.03 14.86 -3.85
N ALA B 432 -12.24 15.71 -4.49
CA ALA B 432 -12.63 16.26 -5.80
C ALA B 432 -12.78 15.16 -6.84
N ILE B 433 -11.85 14.23 -6.90
CA ILE B 433 -11.93 13.16 -7.88
C ILE B 433 -13.12 12.24 -7.57
N MET B 434 -13.30 11.91 -6.30
CA MET B 434 -14.39 11.01 -5.91
C MET B 434 -15.75 11.61 -6.23
N LEU B 435 -15.90 12.92 -6.05
CA LEU B 435 -17.14 13.60 -6.43
C LEU B 435 -17.37 13.42 -7.92
N GLU B 436 -16.33 13.68 -8.71
CA GLU B 436 -16.42 13.52 -10.15
C GLU B 436 -16.72 12.08 -10.54
N ASN B 437 -16.02 11.13 -9.91
CA ASN B 437 -16.21 9.73 -10.24
C ASN B 437 -17.63 9.29 -9.97
N HIS B 438 -18.27 9.96 -9.00
CA HIS B 438 -19.63 9.60 -8.64
C HIS B 438 -20.71 10.53 -9.23
N GLY B 439 -20.29 11.38 -10.15
CA GLY B 439 -21.21 12.17 -10.96
C GLY B 439 -21.70 13.48 -10.37
N TYR B 440 -21.04 13.97 -9.32
CA TYR B 440 -21.38 15.26 -8.76
C TYR B 440 -20.61 16.34 -9.50
N GLY B 441 -21.17 17.54 -9.59
CA GLY B 441 -20.47 18.65 -10.24
C GLY B 441 -19.36 19.17 -9.34
N ILE B 442 -18.14 19.22 -9.87
CA ILE B 442 -17.00 19.65 -9.06
C ILE B 442 -16.05 20.59 -9.80
N ASP B 443 -15.86 21.76 -9.18
CA ASP B 443 -14.95 22.81 -9.64
C ASP B 443 -13.82 22.88 -8.63
N PHE B 444 -12.61 22.50 -9.04
CA PHE B 444 -11.50 22.37 -8.12
C PHE B 444 -10.28 23.15 -8.61
N ALA B 445 -9.53 23.74 -7.68
CA ALA B 445 -8.27 24.38 -8.03
C ALA B 445 -7.34 24.54 -6.85
N LEU B 446 -6.06 24.72 -7.15
CA LEU B 446 -5.05 25.06 -6.15
C LEU B 446 -4.49 26.45 -6.36
N PRO B 447 -5.27 27.47 -5.98
CA PRO B 447 -4.88 28.88 -6.17
C PRO B 447 -3.50 29.20 -5.58
N TRP B 448 -2.73 29.95 -6.34
CA TRP B 448 -1.43 30.46 -5.93
C TRP B 448 -1.66 31.59 -4.95
N ASP B 449 -0.72 31.91 -4.07
CA ASP B 449 -1.05 33.05 -3.22
C ASP B 449 -0.34 34.19 -3.88
N ILE B 450 -1.15 34.85 -4.71
CA ILE B 450 -0.88 36.05 -5.47
C ILE B 450 -1.43 37.30 -4.78
N PRO B 451 -0.92 38.49 -5.14
CA PRO B 451 -1.57 39.75 -4.76
C PRO B 451 -2.84 40.08 -5.56
N HIS B 452 -3.63 41.03 -5.05
CA HIS B 452 -4.74 41.66 -5.78
C HIS B 452 -5.28 42.92 -5.16
N SER B 453 -6.38 43.32 -5.76
CA SER B 453 -7.23 44.41 -5.32
C SER B 453 -8.44 44.00 -4.44
N GLY B 454 -8.49 42.75 -3.98
CA GLY B 454 -9.62 42.26 -3.21
C GLY B 454 -10.57 41.13 -3.61
N ASP B 455 -10.46 40.54 -4.79
CA ASP B 455 -10.98 39.18 -4.86
C ASP B 455 -9.80 38.30 -4.49
N TYR B 456 -9.88 37.68 -3.32
CA TYR B 456 -9.42 36.31 -3.17
C TYR B 456 -10.34 35.44 -2.37
N ASP B 457 -10.95 34.51 -3.08
CA ASP B 457 -11.15 34.84 -4.47
C ASP B 457 -12.66 34.92 -4.50
N LEU B 458 -13.21 36.13 -4.32
CA LEU B 458 -14.66 36.28 -4.24
C LEU B 458 -15.39 36.44 -5.58
N GLY B 459 -14.72 37.13 -6.48
CA GLY B 459 -15.21 37.34 -7.83
C GLY B 459 -15.47 35.99 -8.42
N ASP B 460 -14.56 35.07 -8.15
CA ASP B 460 -14.66 33.72 -8.66
C ASP B 460 -15.72 32.87 -7.95
N LEU B 461 -15.77 32.91 -6.62
CA LEU B 461 -16.82 32.18 -5.89
C LEU B 461 -18.25 32.61 -6.29
N PHE B 462 -18.47 33.91 -6.32
CA PHE B 462 -19.78 34.46 -6.63
C PHE B 462 -20.22 34.27 -8.07
N SER B 463 -19.24 34.24 -8.98
CA SER B 463 -19.56 34.03 -10.37
C SER B 463 -20.00 32.58 -10.53
N TRP B 464 -19.36 31.70 -9.76
CA TRP B 464 -19.73 30.30 -9.75
C TRP B 464 -21.15 30.17 -9.17
N ILE B 465 -21.40 30.86 -8.06
CA ILE B 465 -22.72 30.86 -7.43
C ILE B 465 -23.81 31.39 -8.37
N ASP B 466 -23.55 32.52 -9.03
CA ASP B 466 -24.52 33.13 -9.94
C ASP B 466 -24.84 32.21 -11.10
N GLY B 467 -23.82 31.49 -11.57
CA GLY B 467 -23.99 30.54 -12.64
C GLY B 467 -24.91 29.39 -12.29
N LEU B 468 -24.93 28.97 -11.03
CA LEU B 468 -25.77 27.84 -10.63
C LEU B 468 -27.20 28.28 -10.44
N CYS B 469 -27.34 29.51 -10.02
CA CYS B 469 -28.64 29.88 -9.56
C CYS B 469 -29.29 30.77 -10.63
N GLN B 470 -30.22 30.21 -11.40
CA GLN B 470 -30.90 30.94 -12.48
C GLN B 470 -32.09 30.16 -13.04
HG HG C . 6.89 -42.51 -18.03
HG HG D . 13.78 -23.79 4.42
C1 PEG E . 27.29 -43.81 0.71
O1 PEG E . 28.22 -44.70 0.24
C2 PEG E . 27.43 -42.38 0.30
O2 PEG E . 26.50 -41.50 0.83
C3 PEG E . 25.76 -41.91 1.91
C4 PEG E . 24.39 -41.35 2.09
O4 PEG E . 23.45 -42.16 2.69
C1 PEG F . -2.80 -25.10 -4.73
O1 PEG F . -2.40 -26.09 -3.85
C2 PEG F . -2.84 -23.70 -4.23
O2 PEG F . -1.88 -23.31 -3.32
C3 PEG F . -2.26 -23.05 -2.02
C4 PEG F . -3.34 -22.03 -1.83
O4 PEG F . -4.13 -22.15 -0.71
C1 PEG G . 1.73 -11.42 10.78
O1 PEG G . 1.46 -11.34 12.13
C2 PEG G . 0.87 -10.64 9.84
O2 PEG G . 0.98 -9.27 9.89
C3 PEG G . -0.12 -8.52 10.23
C4 PEG G . 0.07 -7.45 11.26
O4 PEG G . 0.03 -7.83 12.59
HG HG H . -31.64 32.06 -8.25
HG HG I . -5.46 26.36 3.92
OH2 1PE J . -13.74 20.68 34.83
C12 1PE J . -13.94 20.26 33.55
C22 1PE J . -13.86 18.79 33.33
OH3 1PE J . -14.38 18.33 32.14
C13 1PE J . -16.59 17.33 31.91
C23 1PE J . -15.71 18.53 31.87
OH4 1PE J . -17.40 17.16 33.02
C14 1PE J . -18.11 18.47 34.96
C24 1PE J . -17.05 17.72 34.22
OH5 1PE J . -18.02 19.84 34.99
C15 1PE J . -17.36 21.89 36.19
C25 1PE J . -17.85 20.48 36.19
OH6 1PE J . -17.19 22.52 34.98
C16 1PE J . -15.88 23.96 33.47
C26 1PE J . -16.11 23.36 34.82
OH7 1PE J . -15.49 23.12 32.44
C1 PEG K . -9.84 11.46 30.91
O1 PEG K . -9.74 12.31 29.82
C2 PEG K . -9.78 12.07 32.27
O2 PEG K . -9.97 13.44 32.35
C3 PEG K . -11.13 13.98 31.83
C4 PEG K . -11.17 15.44 31.59
O4 PEG K . -12.19 16.15 32.18
C1 PEG L . 8.10 10.10 -3.74
O1 PEG L . 9.38 10.08 -3.25
C2 PEG L . 7.00 10.36 -2.78
O2 PEG L . 5.88 11.03 -3.23
C3 PEG L . 5.72 12.37 -2.94
C4 PEG L . 6.95 13.15 -2.59
O4 PEG L . 7.40 14.08 -3.50
C1 PEG M . -26.92 36.87 -11.60
O1 PEG M . -26.34 36.59 -12.81
C2 PEG M . -28.13 36.10 -11.22
O2 PEG M . -29.09 35.91 -12.20
C3 PEG M . -30.42 35.94 -11.87
C4 PEG M . -31.37 36.23 -12.98
O4 PEG M . -32.70 36.42 -12.67
C1 PEG N . -8.22 15.83 -12.06
O1 PEG N . -8.14 14.56 -12.58
C2 PEG N . -9.05 16.03 -10.84
O2 PEG N . -9.59 17.27 -10.63
C3 PEG N . -10.96 17.39 -10.47
C4 PEG N . -11.69 18.37 -11.32
O4 PEG N . -12.57 17.89 -12.26
#